data_7ZT0
#
_entry.id   7ZT0
#
_cell.length_a   67.808
_cell.length_b   90.096
_cell.length_c   152.873
_cell.angle_alpha   90.000
_cell.angle_beta   90.000
_cell.angle_gamma   90.000
#
_symmetry.space_group_name_H-M   'P 21 21 21'
#
loop_
_entity.id
_entity.type
_entity.pdbx_description
1 polymer 'Steroid C26-monooxygenase'
2 non-polymer 'PROTOPORPHYRIN IX CONTAINING FE'
3 non-polymer 1-(2-piperazin-1-ylethyl)-5-pyridin-4-yl-indole-2-carboxamide
4 non-polymer 'SULFATE ION'
5 non-polymer 'CHLORIDE ION'
6 water water
#
_entity_poly.entity_id   1
_entity_poly.type   'polypeptide(L)'
_entity_poly.pdbx_seq_one_letter_code
;NGPSPNLPPGFDFTDPAIYAERLPVAEFAELRSAAPIWWNGQDPGKGGGFHDGGFWAITKLNDVKEISRHSDVFSSYENG
VIPRFKNDIAREDIEVQRFVMLNMDAPHHTRLRKIISRGFTPRAVGRLHDELQERAQKIAAEAAAAGSGDFVEQVSCELP
LQAIAGLLGVPQEDRGKLFHWSNEMTGNEDPEYAHIDPKASSAELIGYAMKMAEEKAKNPADDIVTQLIQADIDGEKLSD
DEFGFFVVMLAVAGNETTRNSITQGMMAFAEHPDQWELYKKVRPETAADEIVRWATPVTAFQRTALRDYELSGVQIKKGQ
RVVMFYRSANFDEEVFQDPFTFNILRNPNPHVGFGGTGAHYCIGANLARMTINLIFNAVADHMPDLKPISAPERLRSGWL
NGIKHWQVDYTGRCPVAH
;
_entity_poly.pdbx_strand_id   A,B
#
# COMPACT_ATOMS: atom_id res chain seq x y z
N SER A 4 -2.58 23.25 13.72
CA SER A 4 -3.12 21.97 13.28
C SER A 4 -2.37 21.45 12.07
N PRO A 5 -1.90 20.19 12.14
CA PRO A 5 -1.21 19.61 10.98
C PRO A 5 -2.19 19.28 9.86
N ASN A 6 -1.68 19.30 8.64
CA ASN A 6 -2.50 19.09 7.44
C ASN A 6 -2.75 17.59 7.24
N LEU A 7 -3.60 17.06 8.11
CA LEU A 7 -3.97 15.66 8.10
C LEU A 7 -5.48 15.51 7.91
N PRO A 8 -5.93 14.39 7.36
CA PRO A 8 -7.38 14.14 7.27
C PRO A 8 -7.99 14.08 8.66
N PRO A 9 -9.21 14.58 8.83
CA PRO A 9 -9.84 14.56 10.16
C PRO A 9 -9.94 13.14 10.71
N GLY A 10 -9.53 12.98 11.96
CA GLY A 10 -9.62 11.70 12.64
C GLY A 10 -8.49 10.73 12.34
N PHE A 11 -7.43 11.18 11.68
CA PHE A 11 -6.30 10.30 11.37
C PHE A 11 -5.69 9.73 12.65
N ASP A 12 -5.44 8.42 12.65
CA ASP A 12 -4.87 7.73 13.80
C ASP A 12 -3.60 7.02 13.34
N PHE A 13 -2.46 7.43 13.88
CA PHE A 13 -1.18 6.87 13.45
C PHE A 13 -0.96 5.45 13.96
N THR A 14 -1.86 4.89 14.77
CA THR A 14 -1.80 3.49 15.16
C THR A 14 -2.83 2.64 14.43
N ASP A 15 -3.51 3.19 13.44
CA ASP A 15 -4.54 2.48 12.69
C ASP A 15 -3.91 1.33 11.92
N PRO A 16 -4.23 0.08 12.27
CA PRO A 16 -3.64 -1.05 11.54
C PRO A 16 -4.00 -1.08 10.06
N ALA A 17 -5.12 -0.48 9.67
CA ALA A 17 -5.49 -0.46 8.26
C ALA A 17 -4.51 0.37 7.44
N ILE A 18 -3.85 1.35 8.06
CA ILE A 18 -2.81 2.11 7.37
C ILE A 18 -1.66 1.19 6.99
N TYR A 19 -1.11 0.48 7.98
CA TYR A 19 0.12 -0.28 7.77
C TYR A 19 -0.10 -1.55 6.97
N ALA A 20 -1.36 -2.02 6.85
CA ALA A 20 -1.64 -3.09 5.91
C ALA A 20 -1.38 -2.66 4.48
N GLU A 21 -1.39 -1.36 4.21
CA GLU A 21 -1.17 -0.81 2.87
C GLU A 21 0.17 -0.12 2.71
N ARG A 22 0.61 0.65 3.70
CA ARG A 22 1.74 1.53 3.50
C ARG A 22 2.31 1.95 4.84
N LEU A 23 3.52 2.48 4.79
CA LEU A 23 4.05 3.29 5.87
C LEU A 23 3.66 4.75 5.65
N PRO A 24 3.02 5.39 6.62
CA PRO A 24 2.53 6.76 6.40
C PRO A 24 3.66 7.78 6.50
N VAL A 25 4.60 7.69 5.57
CA VAL A 25 5.81 8.51 5.63
C VAL A 25 5.46 9.99 5.54
N ALA A 26 4.62 10.36 4.57
CA ALA A 26 4.32 11.77 4.36
C ALA A 26 3.49 12.34 5.52
N GLU A 27 2.64 11.52 6.14
CA GLU A 27 1.90 12.00 7.30
C GLU A 27 2.82 12.26 8.49
N PHE A 28 3.80 11.38 8.70
CA PHE A 28 4.81 11.62 9.72
C PHE A 28 5.60 12.90 9.43
N ALA A 29 6.01 13.09 8.17
CA ALA A 29 6.76 14.28 7.80
C ALA A 29 5.95 15.55 8.05
N GLU A 30 4.63 15.49 7.84
CA GLU A 30 3.80 16.65 8.14
C GLU A 30 3.79 16.96 9.64
N LEU A 31 3.78 15.92 10.48
CA LEU A 31 3.84 16.16 11.91
C LEU A 31 5.18 16.78 12.31
N ARG A 32 6.28 16.20 11.84
CA ARG A 32 7.59 16.79 12.13
C ARG A 32 7.66 18.24 11.67
N SER A 33 6.92 18.60 10.62
CA SER A 33 6.98 19.95 10.08
C SER A 33 6.09 20.91 10.83
N ALA A 34 4.85 20.52 11.13
CA ALA A 34 3.85 21.44 11.65
C ALA A 34 3.40 21.16 13.09
N ALA A 35 3.64 19.97 13.61
CA ALA A 35 3.20 19.63 14.95
C ALA A 35 3.99 18.43 15.47
N PRO A 36 5.27 18.61 15.84
CA PRO A 36 6.11 17.46 16.18
C PRO A 36 5.63 16.67 17.38
N ILE A 37 4.86 17.29 18.28
CA ILE A 37 4.18 16.58 19.36
C ILE A 37 2.70 16.92 19.22
N TRP A 38 1.91 15.95 18.76
CA TRP A 38 0.53 16.20 18.36
C TRP A 38 -0.38 15.21 19.06
N TRP A 39 -1.47 15.71 19.64
CA TRP A 39 -2.44 14.84 20.30
C TRP A 39 -3.20 14.04 19.25
N ASN A 40 -3.03 12.72 19.29
CA ASN A 40 -3.68 11.81 18.36
C ASN A 40 -4.98 11.33 19.01
N GLY A 41 -6.08 12.00 18.70
CA GLY A 41 -7.35 11.65 19.31
C GLY A 41 -7.86 10.31 18.84
N GLN A 42 -8.59 9.63 19.72
CA GLN A 42 -9.18 8.33 19.41
C GLN A 42 -10.61 8.30 19.92
N ASP A 43 -11.54 7.90 19.06
CA ASP A 43 -12.94 7.82 19.43
C ASP A 43 -13.17 6.69 20.43
N PRO A 44 -14.30 6.68 21.13
CA PRO A 44 -14.59 5.58 22.05
C PRO A 44 -14.61 4.24 21.32
N GLY A 45 -13.99 3.24 21.96
CA GLY A 45 -13.95 1.90 21.41
C GLY A 45 -13.03 1.71 20.23
N LYS A 46 -12.33 2.75 19.78
CA LYS A 46 -11.40 2.65 18.67
C LYS A 46 -9.97 2.97 19.12
N GLY A 47 -9.64 2.64 20.36
CA GLY A 47 -8.33 2.90 20.92
C GLY A 47 -7.36 1.74 20.88
N GLY A 48 -7.69 0.65 20.20
CA GLY A 48 -6.79 -0.49 20.14
C GLY A 48 -6.57 -1.16 21.48
N GLY A 49 -7.60 -1.18 22.33
CA GLY A 49 -7.50 -1.76 23.65
C GLY A 49 -7.34 -0.75 24.77
N PHE A 50 -7.06 0.51 24.43
CA PHE A 50 -6.92 1.57 25.41
C PHE A 50 -8.10 2.51 25.31
N HIS A 51 -8.63 2.92 26.46
CA HIS A 51 -9.85 3.70 26.49
C HIS A 51 -9.63 5.01 27.22
N ASP A 52 -8.57 5.72 26.84
CA ASP A 52 -8.19 6.97 27.48
C ASP A 52 -8.38 8.19 26.58
N GLY A 53 -8.92 8.01 25.38
CA GLY A 53 -9.22 9.11 24.49
C GLY A 53 -8.20 9.37 23.41
N GLY A 54 -6.97 8.91 23.59
CA GLY A 54 -5.94 9.11 22.60
C GLY A 54 -4.57 9.11 23.24
N PHE A 55 -3.60 9.66 22.50
CA PHE A 55 -2.21 9.64 22.92
C PHE A 55 -1.47 10.81 22.27
N TRP A 56 -0.29 11.10 22.79
CA TRP A 56 0.60 12.08 22.19
C TRP A 56 1.49 11.39 21.17
N ALA A 57 1.42 11.84 19.92
CA ALA A 57 2.28 11.32 18.88
C ALA A 57 3.64 12.01 18.96
N ILE A 58 4.69 11.23 19.18
CA ILE A 58 6.06 11.74 19.27
C ILE A 58 6.78 11.39 17.99
N THR A 59 7.22 12.41 17.25
CA THR A 59 7.74 12.22 15.90
C THR A 59 9.18 12.68 15.71
N LYS A 60 9.78 13.37 16.66
CA LYS A 60 11.14 13.87 16.56
C LYS A 60 12.09 12.97 17.36
N LEU A 61 13.27 12.73 16.79
CA LEU A 61 14.22 11.80 17.41
C LEU A 61 14.67 12.30 18.77
N ASN A 62 14.89 13.60 18.92
CA ASN A 62 15.29 14.14 20.22
C ASN A 62 14.23 13.86 21.28
N ASP A 63 12.95 14.02 20.93
CA ASP A 63 11.89 13.77 21.90
C ASP A 63 11.78 12.28 22.21
N VAL A 64 11.97 11.42 21.22
CA VAL A 64 11.99 9.98 21.47
C VAL A 64 13.12 9.64 22.43
N LYS A 65 14.30 10.23 22.22
CA LYS A 65 15.44 9.95 23.09
C LYS A 65 15.20 10.45 24.50
N GLU A 66 14.52 11.59 24.64
CA GLU A 66 14.26 12.14 25.97
C GLU A 66 13.30 11.24 26.75
N ILE A 67 12.23 10.78 26.10
CA ILE A 67 11.29 9.87 26.76
C ILE A 67 12.00 8.59 27.16
N SER A 68 12.84 8.05 26.28
CA SER A 68 13.48 6.77 26.54
C SER A 68 14.42 6.83 27.73
N ARG A 69 15.18 7.93 27.87
CA ARG A 69 16.10 8.03 28.98
C ARG A 69 15.41 8.43 30.28
N HIS A 70 14.21 9.00 30.22
CA HIS A 70 13.48 9.37 31.42
C HIS A 70 12.43 8.30 31.76
N SER A 71 12.91 7.08 31.98
CA SER A 71 12.03 5.98 32.35
C SER A 71 11.45 6.13 33.76
N ASP A 72 12.02 7.02 34.58
CA ASP A 72 11.43 7.29 35.88
C ASP A 72 10.07 7.97 35.75
N VAL A 73 9.87 8.73 34.67
CA VAL A 73 8.61 9.42 34.43
C VAL A 73 7.73 8.68 33.44
N PHE A 74 8.31 8.17 32.37
CA PHE A 74 7.57 7.53 31.28
C PHE A 74 7.63 6.02 31.47
N SER A 75 6.52 5.44 31.94
CA SER A 75 6.49 4.06 32.39
C SER A 75 6.18 3.11 31.24
N SER A 76 6.88 1.98 31.23
CA SER A 76 6.53 0.85 30.36
C SER A 76 5.52 -0.09 31.00
N TYR A 77 5.44 -0.10 32.33
CA TYR A 77 4.59 -1.05 33.05
C TYR A 77 3.12 -0.62 33.03
N GLU A 78 2.86 0.68 33.13
CA GLU A 78 1.50 1.16 33.39
C GLU A 78 0.51 0.66 32.35
N ASN A 79 0.85 0.80 31.07
CA ASN A 79 -0.03 0.36 29.99
C ASN A 79 0.65 -0.57 28.99
N GLY A 80 1.83 -1.09 29.33
CA GLY A 80 2.62 -1.81 28.36
C GLY A 80 3.23 -0.84 27.37
N VAL A 81 4.04 -1.39 26.46
CA VAL A 81 4.72 -0.59 25.45
C VAL A 81 4.09 -0.73 24.07
N ILE A 82 3.22 -1.72 23.86
CA ILE A 82 2.57 -1.92 22.57
C ILE A 82 1.34 -1.02 22.51
N PRO A 83 1.29 -0.07 21.57
CA PRO A 83 0.19 0.91 21.54
C PRO A 83 -1.07 0.48 20.80
N ARG A 84 -1.15 -0.74 20.29
CA ARG A 84 -2.34 -1.15 19.54
C ARG A 84 -2.53 -2.65 19.60
N PHE A 85 -3.68 -3.08 20.11
CA PHE A 85 -4.19 -4.44 19.98
C PHE A 85 -5.54 -4.39 19.26
N LYS A 86 -6.21 -5.53 19.23
N LYS A 86 -6.21 -5.53 19.23
CA LYS A 86 -7.59 -5.55 18.76
CA LYS A 86 -7.59 -5.59 18.80
C LYS A 86 -8.44 -4.69 19.68
C LYS A 86 -8.45 -4.69 19.70
N ASN A 87 -9.43 -4.01 19.10
CA ASN A 87 -10.18 -3.00 19.83
C ASN A 87 -10.91 -3.57 21.05
N ASP A 88 -11.28 -4.85 21.03
CA ASP A 88 -12.06 -5.42 22.13
C ASP A 88 -11.21 -6.27 23.08
N ILE A 89 -9.90 -6.07 23.08
CA ILE A 89 -9.03 -6.87 23.94
C ILE A 89 -9.35 -6.59 25.40
N ALA A 90 -9.38 -7.64 26.20
CA ALA A 90 -9.62 -7.48 27.62
C ALA A 90 -8.41 -6.85 28.30
N ARG A 91 -8.67 -6.03 29.32
CA ARG A 91 -7.58 -5.35 30.02
C ARG A 91 -6.60 -6.35 30.60
N GLU A 92 -7.08 -7.48 31.12
CA GLU A 92 -6.18 -8.47 31.72
C GLU A 92 -5.21 -9.02 30.69
N ASP A 93 -5.59 -9.05 29.41
CA ASP A 93 -4.67 -9.53 28.39
C ASP A 93 -3.58 -8.50 28.09
N ILE A 94 -3.85 -7.22 28.34
CA ILE A 94 -2.80 -6.23 28.22
C ILE A 94 -1.86 -6.31 29.41
N GLU A 95 -2.41 -6.50 30.62
CA GLU A 95 -1.59 -6.48 31.82
C GLU A 95 -0.74 -7.75 31.94
N VAL A 96 -1.16 -8.85 31.33
CA VAL A 96 -0.37 -10.08 31.39
C VAL A 96 0.98 -9.89 30.71
N GLN A 97 1.10 -8.89 29.83
CA GLN A 97 2.38 -8.57 29.22
C GLN A 97 3.41 -8.11 30.25
N ARG A 98 2.97 -7.73 31.45
CA ARG A 98 3.89 -7.25 32.46
C ARG A 98 4.81 -8.35 32.99
N PHE A 99 4.63 -9.60 32.57
CA PHE A 99 5.51 -10.66 33.03
C PHE A 99 6.77 -10.79 32.18
N VAL A 100 6.89 -10.03 31.09
CA VAL A 100 8.15 -9.93 30.35
C VAL A 100 8.82 -8.62 30.71
N MET A 101 10.16 -8.64 30.77
CA MET A 101 10.96 -7.50 31.19
CA MET A 101 10.86 -7.46 31.26
C MET A 101 10.64 -6.24 30.38
N LEU A 102 10.20 -6.40 29.14
CA LEU A 102 9.93 -5.25 28.27
C LEU A 102 8.86 -4.35 28.86
N ASN A 103 7.90 -4.93 29.58
CA ASN A 103 6.78 -4.17 30.14
C ASN A 103 6.89 -4.03 31.66
N MET A 104 8.10 -3.96 32.20
CA MET A 104 8.31 -3.71 33.61
C MET A 104 9.05 -2.39 33.80
N ASP A 105 8.89 -1.82 34.99
CA ASP A 105 9.66 -0.68 35.44
C ASP A 105 10.66 -1.11 36.51
N ALA A 106 11.58 -0.22 36.83
CA ALA A 106 12.47 -0.44 37.96
C ALA A 106 11.64 -0.53 39.24
N PRO A 107 12.09 -1.32 40.23
CA PRO A 107 13.34 -2.10 40.29
C PRO A 107 13.21 -3.49 39.68
N HIS A 108 11.98 -3.96 39.42
CA HIS A 108 11.79 -5.29 38.83
C HIS A 108 12.55 -5.42 37.52
N HIS A 109 12.44 -4.42 36.64
CA HIS A 109 13.15 -4.46 35.37
C HIS A 109 14.65 -4.51 35.58
N THR A 110 15.17 -3.71 36.53
CA THR A 110 16.61 -3.64 36.75
C THR A 110 17.16 -5.00 37.14
N ARG A 111 16.53 -5.68 38.10
CA ARG A 111 16.97 -7.02 38.49
C ARG A 111 16.99 -7.96 37.29
N LEU A 112 15.89 -8.01 36.53
CA LEU A 112 15.81 -8.95 35.42
C LEU A 112 16.88 -8.67 34.38
N ARG A 113 17.06 -7.40 34.02
CA ARG A 113 18.03 -7.06 32.98
C ARG A 113 19.44 -7.43 33.40
N LYS A 114 19.77 -7.25 34.69
CA LYS A 114 21.07 -7.66 35.18
C LYS A 114 21.30 -9.14 34.98
N ILE A 115 20.29 -9.97 35.25
CA ILE A 115 20.43 -11.41 35.07
C ILE A 115 20.49 -11.75 33.59
N ILE A 116 19.60 -11.15 32.78
CA ILE A 116 19.55 -11.45 31.36
C ILE A 116 20.81 -11.01 30.63
N SER A 117 21.53 -10.03 31.19
CA SER A 117 22.74 -9.53 30.54
C SER A 117 23.77 -10.63 30.34
N ARG A 118 23.78 -11.65 31.20
CA ARG A 118 24.70 -12.78 31.03
C ARG A 118 24.53 -13.43 29.67
N GLY A 119 23.33 -13.39 29.11
CA GLY A 119 23.07 -14.09 27.87
C GLY A 119 23.38 -13.32 26.61
N PHE A 120 23.69 -12.02 26.72
CA PHE A 120 23.96 -11.19 25.56
C PHE A 120 25.32 -10.51 25.64
N THR A 121 26.23 -11.06 26.44
CA THR A 121 27.59 -10.55 26.47
C THR A 121 28.21 -10.67 25.08
N PRO A 122 29.14 -9.78 24.73
CA PRO A 122 29.87 -9.94 23.46
C PRO A 122 30.41 -11.34 23.25
N ARG A 123 30.84 -12.02 24.32
CA ARG A 123 31.27 -13.41 24.21
C ARG A 123 30.13 -14.29 23.72
N ALA A 124 29.03 -14.34 24.48
CA ALA A 124 27.92 -15.25 24.15
C ALA A 124 27.41 -15.00 22.73
N VAL A 125 27.24 -13.73 22.36
CA VAL A 125 26.78 -13.42 21.01
C VAL A 125 27.85 -13.78 19.98
N GLY A 126 29.09 -13.39 20.25
CA GLY A 126 30.18 -13.68 19.32
C GLY A 126 30.41 -15.17 19.11
N ARG A 127 30.16 -15.98 20.14
CA ARG A 127 30.29 -17.42 20.00
C ARG A 127 29.30 -18.01 19.01
N LEU A 128 28.25 -17.28 18.66
CA LEU A 128 27.26 -17.75 17.70
C LEU A 128 27.63 -17.45 16.26
N HIS A 129 28.72 -16.71 16.02
CA HIS A 129 29.02 -16.25 14.67
C HIS A 129 29.18 -17.41 13.69
N ASP A 130 30.00 -18.40 14.05
CA ASP A 130 30.36 -19.45 13.11
C ASP A 130 29.14 -20.26 12.67
N GLU A 131 28.30 -20.66 13.63
CA GLU A 131 27.15 -21.48 13.27
C GLU A 131 26.13 -20.67 12.47
N LEU A 132 25.98 -19.38 12.77
CA LEU A 132 25.01 -18.58 12.03
C LEU A 132 25.51 -18.23 10.63
N GLN A 133 26.84 -18.09 10.47
CA GLN A 133 27.39 -17.93 9.13
C GLN A 133 27.13 -19.17 8.28
N GLU A 134 27.45 -20.34 8.84
CA GLU A 134 27.18 -21.60 8.13
C GLU A 134 25.70 -21.71 7.78
N ARG A 135 24.82 -21.36 8.72
CA ARG A 135 23.38 -21.43 8.45
CA ARG A 135 23.38 -21.43 8.45
C ARG A 135 22.97 -20.41 7.40
N ALA A 136 23.53 -19.20 7.46
CA ALA A 136 23.20 -18.18 6.48
C ALA A 136 23.59 -18.63 5.07
N GLN A 137 24.79 -19.23 4.94
CA GLN A 137 25.22 -19.72 3.64
C GLN A 137 24.33 -20.85 3.14
N LYS A 138 23.93 -21.75 4.04
CA LYS A 138 23.05 -22.85 3.65
C LYS A 138 21.67 -22.36 3.25
N ILE A 139 21.14 -21.37 3.96
CA ILE A 139 19.83 -20.80 3.60
C ILE A 139 19.89 -20.17 2.22
N ALA A 140 20.91 -19.34 1.99
CA ALA A 140 21.04 -18.70 0.68
C ALA A 140 21.23 -19.73 -0.43
N ALA A 141 22.09 -20.73 -0.20
CA ALA A 141 22.32 -21.75 -1.21
C ALA A 141 21.03 -22.49 -1.56
N GLU A 142 20.20 -22.78 -0.56
CA GLU A 142 18.95 -23.49 -0.82
C GLU A 142 17.97 -22.61 -1.58
N ALA A 143 17.87 -21.34 -1.19
CA ALA A 143 17.01 -20.41 -1.93
C ALA A 143 17.46 -20.30 -3.38
N ALA A 144 18.77 -20.12 -3.60
CA ALA A 144 19.29 -20.03 -4.96
C ALA A 144 18.97 -21.28 -5.77
N ALA A 145 19.13 -22.46 -5.18
CA ALA A 145 18.82 -23.70 -5.88
C ALA A 145 17.33 -23.78 -6.23
N ALA A 146 16.47 -23.13 -5.46
CA ALA A 146 15.05 -23.09 -5.78
C ALA A 146 14.73 -22.16 -6.94
N GLY A 147 15.62 -21.24 -7.27
CA GLY A 147 15.40 -20.33 -8.40
C GLY A 147 14.54 -19.12 -8.11
N SER A 148 13.42 -19.32 -7.44
CA SER A 148 12.51 -18.23 -7.08
C SER A 148 11.62 -18.70 -5.95
N GLY A 149 10.89 -17.76 -5.36
CA GLY A 149 9.97 -18.10 -4.29
C GLY A 149 9.71 -16.90 -3.40
N ASP A 150 9.14 -17.20 -2.22
CA ASP A 150 8.81 -16.17 -1.24
C ASP A 150 10.07 -15.84 -0.46
N PHE A 151 10.63 -14.64 -0.71
CA PHE A 151 11.86 -14.23 -0.03
C PHE A 151 11.70 -14.23 1.48
N VAL A 152 10.50 -13.86 1.97
CA VAL A 152 10.28 -13.82 3.41
C VAL A 152 10.49 -15.18 4.04
N GLU A 153 9.90 -16.21 3.44
CA GLU A 153 9.99 -17.55 4.01
C GLU A 153 11.32 -18.22 3.70
N GLN A 154 11.85 -18.01 2.49
CA GLN A 154 13.04 -18.73 2.06
C GLN A 154 14.34 -18.08 2.52
N VAL A 155 14.35 -16.79 2.81
CA VAL A 155 15.60 -16.10 3.13
C VAL A 155 15.51 -15.40 4.47
N SER A 156 14.39 -14.69 4.72
CA SER A 156 14.32 -13.80 5.88
C SER A 156 13.98 -14.52 7.17
N CYS A 157 13.20 -15.60 7.11
CA CYS A 157 12.52 -16.09 8.30
C CYS A 157 13.43 -16.92 9.21
N GLU A 158 14.31 -17.75 8.64
CA GLU A 158 14.93 -18.80 9.44
C GLU A 158 16.08 -18.29 10.30
N LEU A 159 16.98 -17.48 9.74
CA LEU A 159 18.19 -17.12 10.49
C LEU A 159 17.89 -16.41 11.82
N PRO A 160 16.96 -15.45 11.92
CA PRO A 160 16.64 -14.90 13.25
C PRO A 160 16.18 -15.97 14.23
N LEU A 161 15.39 -16.93 13.78
CA LEU A 161 14.95 -18.00 14.67
C LEU A 161 16.11 -18.91 15.06
N GLN A 162 17.02 -19.18 14.13
CA GLN A 162 18.19 -19.97 14.47
C GLN A 162 19.11 -19.25 15.45
N ALA A 163 19.17 -17.92 15.38
CA ALA A 163 19.96 -17.17 16.35
C ALA A 163 19.40 -17.36 17.76
N ILE A 164 18.07 -17.29 17.91
CA ILE A 164 17.44 -17.54 19.20
C ILE A 164 17.69 -18.98 19.63
N ALA A 165 17.50 -19.93 18.71
CA ALA A 165 17.72 -21.33 19.02
C ALA A 165 19.16 -21.60 19.40
N GLY A 166 20.10 -21.12 18.58
CA GLY A 166 21.51 -21.28 18.89
C GLY A 166 21.88 -20.63 20.22
N LEU A 167 21.33 -19.45 20.48
CA LEU A 167 21.58 -18.79 21.75
C LEU A 167 21.14 -19.66 22.92
N LEU A 168 19.89 -20.14 22.89
CA LEU A 168 19.33 -20.90 24.00
C LEU A 168 19.82 -22.34 24.06
N GLY A 169 20.53 -22.82 23.04
CA GLY A 169 20.97 -24.20 23.03
C GLY A 169 19.85 -25.19 22.77
N VAL A 170 18.86 -24.81 21.99
CA VAL A 170 17.72 -25.70 21.72
C VAL A 170 18.18 -26.84 20.82
N PRO A 171 17.89 -28.10 21.18
CA PRO A 171 18.26 -29.22 20.31
C PRO A 171 17.62 -29.09 18.93
N GLN A 172 18.34 -29.60 17.93
CA GLN A 172 17.91 -29.43 16.54
C GLN A 172 16.53 -30.03 16.31
N GLU A 173 16.26 -31.20 16.91
CA GLU A 173 14.99 -31.87 16.70
C GLU A 173 13.81 -31.09 17.25
N ASP A 174 14.04 -30.14 18.16
CA ASP A 174 12.97 -29.36 18.76
C ASP A 174 12.77 -28.00 18.11
N ARG A 175 13.67 -27.59 17.21
CA ARG A 175 13.61 -26.24 16.67
C ARG A 175 12.40 -26.05 15.77
N GLY A 176 11.93 -27.11 15.12
CA GLY A 176 10.79 -26.98 14.23
C GLY A 176 9.55 -26.48 14.94
N LYS A 177 9.18 -27.13 16.05
CA LYS A 177 8.00 -26.71 16.78
C LYS A 177 8.25 -25.41 17.53
N LEU A 178 9.48 -25.23 18.05
CA LEU A 178 9.83 -23.97 18.69
C LEU A 178 9.63 -22.79 17.74
N PHE A 179 10.13 -22.92 16.51
CA PHE A 179 9.93 -21.87 15.52
C PHE A 179 8.44 -21.68 15.21
N HIS A 180 7.68 -22.77 15.18
CA HIS A 180 6.25 -22.65 14.90
C HIS A 180 5.55 -21.85 16.00
N TRP A 181 5.79 -22.21 17.26
CA TRP A 181 5.20 -21.46 18.35
C TRP A 181 5.61 -20.00 18.32
N SER A 182 6.90 -19.74 18.08
CA SER A 182 7.39 -18.37 17.99
C SER A 182 6.68 -17.61 16.89
N ASN A 183 6.43 -18.25 15.75
CA ASN A 183 5.77 -17.58 14.64
C ASN A 183 4.27 -17.43 14.86
N GLU A 184 3.68 -18.31 15.68
CA GLU A 184 2.24 -18.23 15.90
C GLU A 184 1.85 -17.16 16.92
N MET A 185 2.80 -16.61 17.66
CA MET A 185 2.53 -15.45 18.48
C MET A 185 2.51 -14.15 17.67
N THR A 186 2.65 -14.24 16.36
CA THR A 186 2.88 -13.09 15.51
C THR A 186 1.60 -12.69 14.78
N GLY A 187 1.65 -11.50 14.16
CA GLY A 187 0.64 -10.96 13.27
C GLY A 187 -0.80 -11.36 13.56
N ASN A 188 -1.20 -11.27 14.83
CA ASN A 188 -2.55 -11.68 15.22
CA ASN A 188 -2.54 -11.70 15.20
C ASN A 188 -3.62 -10.72 14.72
N GLU A 189 -3.23 -9.50 14.34
CA GLU A 189 -4.17 -8.52 13.81
C GLU A 189 -4.37 -8.64 12.30
N ASP A 190 -3.73 -9.62 11.67
CA ASP A 190 -3.80 -9.76 10.22
C ASP A 190 -4.73 -10.91 9.84
N PRO A 191 -5.61 -10.71 8.86
CA PRO A 191 -6.58 -11.76 8.52
C PRO A 191 -5.95 -13.07 8.08
N GLU A 192 -4.74 -13.03 7.51
CA GLU A 192 -4.06 -14.27 7.17
C GLU A 192 -3.76 -15.12 8.39
N TYR A 193 -3.69 -14.50 9.59
CA TYR A 193 -3.38 -15.22 10.81
C TYR A 193 -4.49 -15.07 11.85
N ALA A 194 -5.71 -14.74 11.43
CA ALA A 194 -6.79 -14.49 12.39
C ALA A 194 -7.20 -15.75 13.15
N HIS A 195 -6.95 -16.92 12.59
CA HIS A 195 -7.34 -18.17 13.21
C HIS A 195 -6.27 -18.72 14.14
N ILE A 196 -5.13 -18.04 14.28
CA ILE A 196 -4.02 -18.47 15.11
C ILE A 196 -4.18 -17.91 16.52
N ASP A 197 -3.94 -18.76 17.52
CA ASP A 197 -4.10 -18.42 18.92
C ASP A 197 -2.73 -18.10 19.53
N PRO A 198 -2.39 -16.84 19.75
CA PRO A 198 -1.09 -16.53 20.38
C PRO A 198 -1.00 -16.93 21.84
N LYS A 199 -2.13 -17.03 22.54
CA LYS A 199 -2.10 -17.44 23.94
C LYS A 199 -1.60 -18.87 24.08
N ALA A 200 -2.17 -19.79 23.30
CA ALA A 200 -1.76 -21.19 23.38
C ALA A 200 -0.32 -21.38 22.96
N SER A 201 0.13 -20.61 21.97
CA SER A 201 1.51 -20.73 21.51
C SER A 201 2.49 -20.27 22.59
N SER A 202 2.16 -19.20 23.30
CA SER A 202 3.01 -18.76 24.40
C SER A 202 3.09 -19.81 25.49
N ALA A 203 1.96 -20.46 25.78
CA ALA A 203 1.93 -21.49 26.82
C ALA A 203 2.84 -22.67 26.45
N GLU A 204 2.85 -23.04 25.16
CA GLU A 204 3.74 -24.12 24.73
C GLU A 204 5.20 -23.69 24.77
N LEU A 205 5.48 -22.42 24.47
CA LEU A 205 6.84 -21.90 24.62
C LEU A 205 7.28 -21.94 26.08
N ILE A 206 6.40 -21.50 26.98
CA ILE A 206 6.73 -21.50 28.41
C ILE A 206 6.94 -22.94 28.88
N GLY A 207 6.07 -23.85 28.46
CA GLY A 207 6.23 -25.25 28.86
C GLY A 207 7.55 -25.84 28.42
N TYR A 208 7.93 -25.61 27.17
CA TYR A 208 9.21 -26.12 26.69
C TYR A 208 10.37 -25.48 27.44
N ALA A 209 10.29 -24.16 27.66
CA ALA A 209 11.38 -23.46 28.33
C ALA A 209 11.57 -23.96 29.77
N MET A 210 10.48 -24.14 30.50
CA MET A 210 10.58 -24.59 31.89
C MET A 210 11.16 -26.00 31.97
N LYS A 211 10.78 -26.87 31.02
CA LYS A 211 11.38 -28.20 30.98
C LYS A 211 12.87 -28.13 30.70
N MET A 212 13.29 -27.20 29.83
CA MET A 212 14.71 -27.01 29.57
C MET A 212 15.44 -26.58 30.83
N ALA A 213 14.82 -25.71 31.64
CA ALA A 213 15.43 -25.29 32.88
C ALA A 213 15.49 -26.43 33.89
N GLU A 214 14.50 -27.32 33.89
CA GLU A 214 14.52 -28.46 34.80
C GLU A 214 15.58 -29.47 34.40
N GLU A 215 15.84 -29.63 33.10
CA GLU A 215 16.90 -30.53 32.67
C GLU A 215 18.27 -30.00 33.07
N LYS A 216 18.46 -28.68 32.99
CA LYS A 216 19.74 -28.08 33.32
C LYS A 216 19.97 -27.98 34.82
N ALA A 217 18.91 -28.00 35.62
CA ALA A 217 19.09 -28.02 37.07
C ALA A 217 19.74 -29.32 37.52
N LYS A 218 19.41 -30.43 36.86
CA LYS A 218 20.02 -31.72 37.16
C LYS A 218 21.26 -32.01 36.31
N ASN A 219 21.39 -31.35 35.16
CA ASN A 219 22.53 -31.53 34.26
C ASN A 219 23.14 -30.18 33.92
N PRO A 220 23.72 -29.48 34.89
CA PRO A 220 24.27 -28.15 34.63
C PRO A 220 25.53 -28.24 33.77
N ALA A 221 25.47 -27.61 32.59
CA ALA A 221 26.59 -27.56 31.66
C ALA A 221 27.06 -26.11 31.54
N ASP A 222 27.99 -25.87 30.61
CA ASP A 222 28.51 -24.52 30.36
C ASP A 222 27.76 -23.97 29.17
N ASP A 223 26.60 -23.37 29.44
CA ASP A 223 25.78 -22.74 28.42
C ASP A 223 24.97 -21.63 29.08
N ILE A 224 24.42 -20.75 28.24
CA ILE A 224 23.68 -19.59 28.73
C ILE A 224 22.56 -20.00 29.69
N VAL A 225 21.82 -21.05 29.33
CA VAL A 225 20.64 -21.42 30.11
C VAL A 225 21.04 -21.74 31.54
N THR A 226 22.14 -22.48 31.71
CA THR A 226 22.66 -22.77 33.04
C THR A 226 23.04 -21.49 33.78
N GLN A 227 23.71 -20.56 33.09
CA GLN A 227 24.10 -19.31 33.74
C GLN A 227 22.90 -18.51 34.21
N LEU A 228 21.77 -18.63 33.51
CA LEU A 228 20.58 -17.89 33.90
C LEU A 228 19.85 -18.54 35.07
N ILE A 229 19.87 -19.87 35.16
CA ILE A 229 19.17 -20.59 36.21
C ILE A 229 20.12 -21.03 37.31
N GLN A 230 21.33 -20.46 37.38
CA GLN A 230 22.28 -20.75 38.44
C GLN A 230 22.42 -19.50 39.31
N ALA A 231 22.17 -19.65 40.61
CA ALA A 231 22.25 -18.53 41.52
C ALA A 231 23.68 -18.03 41.63
N ASP A 232 23.87 -16.73 41.47
CA ASP A 232 25.16 -16.11 41.71
C ASP A 232 25.38 -15.93 43.22
N ILE A 233 26.37 -15.13 43.59
CA ILE A 233 26.69 -14.96 45.01
C ILE A 233 25.54 -14.30 45.76
N ASP A 234 24.93 -13.28 45.16
CA ASP A 234 23.81 -12.59 45.78
C ASP A 234 22.49 -13.35 45.64
N GLY A 235 22.51 -14.55 45.07
CA GLY A 235 21.31 -15.38 45.00
C GLY A 235 20.32 -14.99 43.93
N GLU A 236 20.65 -14.04 43.05
CA GLU A 236 19.75 -13.65 41.99
C GLU A 236 19.88 -14.60 40.81
N LYS A 237 18.74 -14.98 40.24
CA LYS A 237 18.66 -15.94 39.17
C LYS A 237 17.24 -15.93 38.61
N LEU A 238 17.09 -16.51 37.42
CA LEU A 238 15.76 -16.70 36.86
C LEU A 238 15.14 -17.96 37.46
N SER A 239 13.98 -17.80 38.10
CA SER A 239 13.17 -18.96 38.42
C SER A 239 12.75 -19.66 37.13
N ASP A 240 12.26 -20.89 37.27
CA ASP A 240 11.87 -21.67 36.10
C ASP A 240 10.84 -20.92 35.27
N ASP A 241 9.85 -20.30 35.91
CA ASP A 241 8.82 -19.59 35.17
C ASP A 241 9.36 -18.30 34.57
N GLU A 242 10.23 -17.58 35.30
CA GLU A 242 10.85 -16.38 34.75
C GLU A 242 11.67 -16.71 33.51
N PHE A 243 12.36 -17.86 33.51
CA PHE A 243 13.04 -18.29 32.30
C PHE A 243 12.05 -18.54 31.17
N GLY A 244 10.89 -19.12 31.49
CA GLY A 244 9.85 -19.28 30.49
C GLY A 244 9.40 -17.97 29.91
N PHE A 245 9.22 -16.95 30.76
CA PHE A 245 8.85 -15.63 30.26
C PHE A 245 9.98 -15.00 29.45
N PHE A 246 11.23 -15.32 29.79
CA PHE A 246 12.35 -14.80 29.02
C PHE A 246 12.39 -15.39 27.62
N VAL A 247 12.11 -16.69 27.50
CA VAL A 247 12.08 -17.32 26.17
C VAL A 247 10.93 -16.77 25.34
N VAL A 248 9.75 -16.61 25.94
CA VAL A 248 8.64 -15.97 25.23
C VAL A 248 9.06 -14.60 24.74
N MET A 249 9.76 -13.84 25.59
CA MET A 249 10.22 -12.52 25.17
CA MET A 249 10.23 -12.52 25.18
C MET A 249 11.16 -12.62 23.97
N LEU A 250 12.14 -13.51 24.02
CA LEU A 250 13.06 -13.67 22.90
C LEU A 250 12.34 -14.15 21.64
N ALA A 251 11.57 -15.23 21.77
CA ALA A 251 10.81 -15.75 20.64
C ALA A 251 9.93 -14.67 20.02
N VAL A 252 9.51 -13.70 20.81
CA VAL A 252 8.69 -12.60 20.31
C VAL A 252 9.56 -11.42 19.86
N ALA A 253 10.59 -11.07 20.63
CA ALA A 253 11.39 -9.88 20.33
C ALA A 253 12.43 -10.11 19.24
N GLY A 254 13.00 -11.31 19.17
CA GLY A 254 14.11 -11.53 18.25
C GLY A 254 13.72 -12.21 16.96
N ASN A 255 12.44 -12.21 16.64
CA ASN A 255 11.94 -12.96 15.49
C ASN A 255 11.55 -12.04 14.35
N GLU A 256 10.33 -11.50 14.41
CA GLU A 256 9.79 -10.72 13.29
C GLU A 256 10.63 -9.48 13.01
N THR A 257 11.15 -8.84 14.05
CA THR A 257 11.87 -7.58 13.86
C THR A 257 13.08 -7.78 12.97
N THR A 258 13.93 -8.76 13.29
CA THR A 258 15.09 -9.03 12.45
C THR A 258 14.66 -9.52 11.08
N ARG A 259 13.65 -10.42 11.03
CA ARG A 259 13.09 -10.88 9.78
C ARG A 259 12.68 -9.72 8.88
N ASN A 260 11.93 -8.77 9.42
CA ASN A 260 11.45 -7.65 8.62
C ASN A 260 12.56 -6.68 8.27
N SER A 261 13.64 -6.65 9.06
CA SER A 261 14.83 -5.90 8.65
CA SER A 261 14.81 -5.89 8.64
C SER A 261 15.45 -6.52 7.41
N ILE A 262 15.49 -7.84 7.35
CA ILE A 262 16.10 -8.53 6.21
C ILE A 262 15.25 -8.32 4.95
N THR A 263 13.94 -8.49 5.08
CA THR A 263 13.07 -8.32 3.92
C THR A 263 13.12 -6.89 3.39
N GLN A 264 12.94 -5.91 4.28
CA GLN A 264 12.90 -4.52 3.84
C GLN A 264 14.27 -4.01 3.44
N GLY A 265 15.34 -4.58 3.99
CA GLY A 265 16.67 -4.25 3.49
C GLY A 265 16.86 -4.70 2.06
N MET A 266 16.41 -5.91 1.73
CA MET A 266 16.50 -6.38 0.35
C MET A 266 15.55 -5.62 -0.56
N MET A 267 14.37 -5.22 -0.06
CA MET A 267 13.52 -4.32 -0.83
C MET A 267 14.23 -3.01 -1.13
N ALA A 268 14.93 -2.44 -0.15
CA ALA A 268 15.68 -1.22 -0.40
C ALA A 268 16.77 -1.44 -1.44
N PHE A 269 17.46 -2.58 -1.37
CA PHE A 269 18.48 -2.89 -2.36
C PHE A 269 17.87 -3.05 -3.75
N ALA A 270 16.68 -3.64 -3.83
CA ALA A 270 16.02 -3.78 -5.13
C ALA A 270 15.61 -2.42 -5.69
N GLU A 271 15.18 -1.51 -4.81
CA GLU A 271 14.79 -0.17 -5.25
C GLU A 271 15.99 0.71 -5.52
N HIS A 272 17.17 0.35 -5.03
CA HIS A 272 18.39 1.14 -5.18
C HIS A 272 19.51 0.20 -5.65
N PRO A 273 19.49 -0.20 -6.92
CA PRO A 273 20.48 -1.20 -7.39
C PRO A 273 21.92 -0.75 -7.26
N ASP A 274 22.19 0.56 -7.33
CA ASP A 274 23.56 1.04 -7.12
C ASP A 274 24.05 0.69 -5.73
N GLN A 275 23.17 0.77 -4.72
CA GLN A 275 23.56 0.39 -3.36
C GLN A 275 23.80 -1.11 -3.28
N TRP A 276 23.02 -1.91 -4.00
CA TRP A 276 23.22 -3.35 -3.99
C TRP A 276 24.55 -3.73 -4.64
N GLU A 277 24.88 -3.11 -5.78
CA GLU A 277 26.18 -3.36 -6.41
C GLU A 277 27.31 -2.92 -5.49
N LEU A 278 27.14 -1.79 -4.81
CA LEU A 278 28.14 -1.36 -3.83
C LEU A 278 28.30 -2.37 -2.71
N TYR A 279 27.17 -2.88 -2.18
CA TYR A 279 27.26 -3.83 -1.07
C TYR A 279 28.01 -5.10 -1.48
N LYS A 280 27.67 -5.66 -2.64
CA LYS A 280 28.25 -6.93 -3.05
C LYS A 280 29.76 -6.85 -3.15
N LYS A 281 30.30 -5.68 -3.53
CA LYS A 281 31.75 -5.53 -3.62
C LYS A 281 32.38 -5.35 -2.25
N VAL A 282 31.84 -4.42 -1.44
CA VAL A 282 32.52 -3.94 -0.25
C VAL A 282 32.07 -4.69 1.01
N ARG A 283 30.80 -5.08 1.06
CA ARG A 283 30.20 -5.73 2.22
C ARG A 283 30.40 -4.92 3.51
N PRO A 284 30.01 -3.64 3.52
CA PRO A 284 30.31 -2.81 4.69
C PRO A 284 29.41 -3.17 5.86
N GLU A 285 29.99 -3.20 7.07
CA GLU A 285 29.20 -3.53 8.25
C GLU A 285 28.26 -2.42 8.66
N THR A 286 28.46 -1.20 8.16
CA THR A 286 27.48 -0.13 8.37
C THR A 286 26.16 -0.40 7.67
N ALA A 287 26.12 -1.37 6.75
CA ALA A 287 24.88 -1.69 6.05
C ALA A 287 23.78 -2.10 7.03
N ALA A 288 24.15 -2.87 8.06
CA ALA A 288 23.16 -3.37 9.00
C ALA A 288 22.40 -2.24 9.68
N ASP A 289 23.11 -1.19 10.10
CA ASP A 289 22.45 -0.10 10.81
C ASP A 289 21.57 0.73 9.87
N GLU A 290 22.02 0.94 8.63
CA GLU A 290 21.15 1.62 7.67
C GLU A 290 19.94 0.78 7.33
N ILE A 291 20.11 -0.53 7.28
CA ILE A 291 18.98 -1.42 7.02
C ILE A 291 17.97 -1.35 8.17
N VAL A 292 18.45 -1.23 9.42
CA VAL A 292 17.54 -1.13 10.55
C VAL A 292 16.84 0.22 10.57
N ARG A 293 17.57 1.30 10.27
CA ARG A 293 16.94 2.61 10.14
C ARG A 293 15.89 2.61 9.04
N TRP A 294 16.24 2.07 7.86
CA TRP A 294 15.30 2.05 6.75
C TRP A 294 14.12 1.13 7.05
N ALA A 295 14.36 0.00 7.71
CA ALA A 295 13.28 -0.95 7.95
C ALA A 295 12.41 -0.56 9.14
N THR A 296 13.02 0.09 10.16
CA THR A 296 12.41 0.41 11.46
C THR A 296 11.35 -0.62 11.81
N PRO A 297 11.76 -1.85 12.13
CA PRO A 297 10.77 -2.95 12.27
C PRO A 297 9.72 -2.68 13.33
N VAL A 298 10.07 -2.00 14.41
CA VAL A 298 9.09 -1.53 15.38
C VAL A 298 8.74 -0.10 15.00
N THR A 299 7.54 0.09 14.45
CA THR A 299 7.10 1.42 14.07
C THR A 299 7.00 2.33 15.30
N ALA A 300 6.48 1.81 16.40
CA ALA A 300 6.23 2.63 17.57
C ALA A 300 6.10 1.77 18.81
N PHE A 301 6.67 2.26 19.91
CA PHE A 301 6.40 1.77 21.25
C PHE A 301 5.91 2.96 22.08
N GLN A 302 5.12 2.68 23.12
CA GLN A 302 4.53 3.74 23.92
C GLN A 302 5.09 3.74 25.33
N ARG A 303 4.81 4.83 26.04
CA ARG A 303 5.04 4.97 27.47
C ARG A 303 3.84 5.68 28.08
N THR A 304 3.73 5.61 29.41
CA THR A 304 2.69 6.29 30.14
C THR A 304 3.32 7.22 31.16
N ALA A 305 2.87 8.47 31.18
CA ALA A 305 3.43 9.47 32.10
C ALA A 305 2.95 9.19 33.51
N LEU A 306 3.89 9.02 34.44
CA LEU A 306 3.56 8.82 35.84
C LEU A 306 3.38 10.13 36.59
N ARG A 307 3.90 11.23 36.05
CA ARG A 307 3.67 12.56 36.61
C ARG A 307 3.61 13.55 35.46
N ASP A 308 3.17 14.76 35.77
CA ASP A 308 3.18 15.83 34.77
C ASP A 308 4.61 16.09 34.31
N TYR A 309 4.78 16.27 33.01
CA TYR A 309 6.11 16.43 32.44
C TYR A 309 6.00 17.30 31.19
N GLU A 310 6.86 18.32 31.12
CA GLU A 310 6.90 19.21 29.96
C GLU A 310 7.93 18.68 28.97
N LEU A 311 7.47 18.36 27.76
CA LEU A 311 8.31 17.81 26.71
C LEU A 311 8.29 18.75 25.52
N SER A 312 9.40 19.43 25.28
CA SER A 312 9.57 20.35 24.15
C SER A 312 8.41 21.35 24.06
N GLY A 313 8.12 21.98 25.20
CA GLY A 313 7.08 22.99 25.26
C GLY A 313 5.67 22.46 25.35
N VAL A 314 5.47 21.14 25.36
CA VAL A 314 4.15 20.53 25.45
C VAL A 314 4.01 19.91 26.82
N GLN A 315 2.85 20.12 27.45
CA GLN A 315 2.59 19.64 28.80
C GLN A 315 1.96 18.26 28.71
N ILE A 316 2.74 17.23 29.04
CA ILE A 316 2.22 15.87 29.14
C ILE A 316 1.67 15.69 30.55
N LYS A 317 0.43 15.22 30.66
CA LYS A 317 -0.22 15.08 31.95
C LYS A 317 -0.14 13.64 32.44
N LYS A 318 -0.13 13.50 33.76
CA LYS A 318 -0.09 12.19 34.40
C LYS A 318 -1.17 11.27 33.84
N GLY A 319 -0.79 10.02 33.57
CA GLY A 319 -1.69 9.03 33.04
C GLY A 319 -1.81 9.00 31.54
N GLN A 320 -1.37 10.06 30.86
CA GLN A 320 -1.48 10.11 29.40
C GLN A 320 -0.39 9.28 28.75
N ARG A 321 -0.73 8.71 27.59
CA ARG A 321 0.22 7.90 26.84
C ARG A 321 0.99 8.77 25.85
N VAL A 322 2.27 8.45 25.68
CA VAL A 322 3.08 8.99 24.60
C VAL A 322 3.51 7.82 23.72
N VAL A 323 3.44 8.00 22.42
CA VAL A 323 3.78 6.96 21.46
C VAL A 323 4.99 7.44 20.66
N MET A 324 6.13 6.78 20.86
CA MET A 324 7.36 7.13 20.17
C MET A 324 7.34 6.48 18.79
N PHE A 325 7.13 7.27 17.75
CA PHE A 325 7.12 6.75 16.39
C PHE A 325 8.56 6.72 15.88
N TYR A 326 9.22 5.58 16.09
CA TYR A 326 10.58 5.40 15.59
C TYR A 326 10.64 5.59 14.08
N ARG A 327 9.59 5.19 13.37
CA ARG A 327 9.52 5.36 11.92
C ARG A 327 9.64 6.82 11.53
N SER A 328 9.07 7.72 12.32
CA SER A 328 9.24 9.15 12.06
C SER A 328 10.62 9.63 12.49
N ALA A 329 11.05 9.25 13.68
CA ALA A 329 12.32 9.74 14.22
C ALA A 329 13.49 9.32 13.34
N ASN A 330 13.45 8.12 12.77
CA ASN A 330 14.56 7.65 11.95
C ASN A 330 14.67 8.36 10.63
N PHE A 331 13.76 9.29 10.32
CA PHE A 331 13.84 10.10 9.11
C PHE A 331 13.74 11.58 9.47
N ASP A 332 14.15 11.91 10.69
CA ASP A 332 14.13 13.28 11.18
C ASP A 332 15.11 14.12 10.37
N GLU A 333 14.58 15.13 9.66
CA GLU A 333 15.41 15.93 8.76
C GLU A 333 16.50 16.71 9.50
N GLU A 334 16.28 17.02 10.78
CA GLU A 334 17.26 17.76 11.55
C GLU A 334 18.38 16.89 12.08
N VAL A 335 18.27 15.57 11.98
CA VAL A 335 19.27 14.64 12.49
C VAL A 335 20.06 14.00 11.36
N PHE A 336 19.39 13.53 10.32
CA PHE A 336 20.01 12.74 9.28
C PHE A 336 20.24 13.57 8.03
N GLN A 337 21.38 13.35 7.38
CA GLN A 337 21.66 13.97 6.09
C GLN A 337 20.99 13.15 4.99
N ASP A 338 20.07 13.78 4.26
CA ASP A 338 19.27 13.11 3.25
C ASP A 338 18.60 11.88 3.86
N PRO A 339 17.65 12.06 4.78
CA PRO A 339 17.05 10.89 5.44
C PRO A 339 16.35 9.94 4.49
N PHE A 340 15.82 10.44 3.37
CA PHE A 340 15.08 9.60 2.44
C PHE A 340 15.99 8.90 1.44
N THR A 341 17.31 8.98 1.63
CA THR A 341 18.28 8.27 0.82
C THR A 341 18.71 7.00 1.55
N PHE A 342 18.63 5.87 0.85
CA PHE A 342 19.16 4.61 1.39
C PHE A 342 20.66 4.57 1.14
N ASN A 343 21.45 4.68 2.20
CA ASN A 343 22.90 4.83 2.09
C ASN A 343 23.55 3.83 3.06
N ILE A 344 24.01 2.69 2.53
CA ILE A 344 24.59 1.65 3.37
C ILE A 344 25.92 2.07 3.99
N LEU A 345 26.51 3.18 3.54
CA LEU A 345 27.73 3.71 4.11
C LEU A 345 27.46 4.84 5.10
N ARG A 346 26.21 5.04 5.48
CA ARG A 346 25.85 6.15 6.37
C ARG A 346 26.54 5.99 7.72
N ASN A 347 27.34 6.97 8.09
CA ASN A 347 28.00 6.97 9.39
C ASN A 347 28.42 8.38 9.76
N PRO A 348 28.11 8.86 10.98
CA PRO A 348 27.38 8.16 12.06
C PRO A 348 25.92 7.92 11.69
N ASN A 349 25.26 7.00 12.37
CA ASN A 349 23.88 6.63 12.06
C ASN A 349 23.14 6.51 13.39
N PRO A 350 22.72 7.64 13.96
CA PRO A 350 22.17 7.60 15.32
C PRO A 350 20.69 7.26 15.34
N HIS A 351 20.29 6.26 14.57
CA HIS A 351 18.88 5.89 14.48
C HIS A 351 18.39 5.30 15.80
N VAL A 352 17.06 5.24 15.95
CA VAL A 352 16.44 4.69 17.15
C VAL A 352 15.65 3.45 16.79
N GLY A 353 16.09 2.73 15.75
CA GLY A 353 15.43 1.49 15.39
C GLY A 353 15.45 0.48 16.51
N PHE A 354 16.53 0.44 17.29
CA PHE A 354 16.60 -0.36 18.49
C PHE A 354 16.10 0.39 19.72
N GLY A 355 15.33 1.46 19.51
CA GLY A 355 14.89 2.31 20.58
C GLY A 355 15.91 3.38 20.92
N GLY A 356 15.47 4.34 21.73
CA GLY A 356 16.39 5.33 22.25
C GLY A 356 17.17 4.79 23.43
N THR A 357 18.37 5.34 23.62
CA THR A 357 19.24 4.90 24.71
C THR A 357 18.51 5.06 26.04
N GLY A 358 18.61 4.04 26.88
CA GLY A 358 17.92 4.05 28.15
C GLY A 358 17.82 2.65 28.72
N ALA A 359 16.96 2.51 29.74
CA ALA A 359 16.88 1.26 30.48
C ALA A 359 16.40 0.10 29.62
N HIS A 360 15.57 0.38 28.61
CA HIS A 360 14.96 -0.66 27.80
C HIS A 360 15.58 -0.78 26.41
N TYR A 361 16.72 -0.13 26.17
CA TYR A 361 17.40 -0.25 24.89
C TYR A 361 17.64 -1.70 24.53
N CYS A 362 17.41 -2.02 23.25
CA CYS A 362 17.44 -3.41 22.77
C CYS A 362 18.70 -4.13 23.21
N ILE A 363 18.50 -5.19 24.02
CA ILE A 363 19.62 -6.01 24.45
C ILE A 363 20.14 -6.92 23.35
N GLY A 364 19.33 -7.19 22.32
CA GLY A 364 19.76 -8.05 21.24
C GLY A 364 20.23 -7.30 20.01
N ALA A 365 20.59 -6.03 20.19
CA ALA A 365 20.93 -5.18 19.05
C ALA A 365 22.14 -5.72 18.29
N ASN A 366 23.18 -6.14 19.01
CA ASN A 366 24.36 -6.66 18.32
C ASN A 366 24.10 -8.03 17.73
N LEU A 367 23.27 -8.85 18.36
CA LEU A 367 22.88 -10.11 17.75
C LEU A 367 22.10 -9.87 16.47
N ALA A 368 21.21 -8.87 16.46
CA ALA A 368 20.45 -8.54 15.26
C ALA A 368 21.36 -8.08 14.14
N ARG A 369 22.30 -7.17 14.45
CA ARG A 369 23.23 -6.69 13.44
C ARG A 369 24.03 -7.84 12.83
N MET A 370 24.50 -8.77 13.68
CA MET A 370 25.25 -9.91 13.18
C MET A 370 24.39 -10.78 12.25
N THR A 371 23.13 -11.02 12.65
CA THR A 371 22.23 -11.77 11.80
C THR A 371 22.03 -11.09 10.46
N ILE A 372 21.84 -9.77 10.47
CA ILE A 372 21.62 -9.03 9.23
C ILE A 372 22.86 -9.09 8.34
N ASN A 373 24.03 -8.80 8.91
CA ASN A 373 25.26 -8.79 8.12
C ASN A 373 25.55 -10.17 7.52
N LEU A 374 25.29 -11.23 8.29
CA LEU A 374 25.59 -12.58 7.80
C LEU A 374 24.66 -13.00 6.67
N ILE A 375 23.37 -12.70 6.78
CA ILE A 375 22.44 -13.18 5.75
C ILE A 375 22.63 -12.42 4.45
N PHE A 376 22.98 -11.13 4.52
CA PHE A 376 23.17 -10.36 3.30
C PHE A 376 24.50 -10.69 2.63
N ASN A 377 25.52 -11.05 3.41
CA ASN A 377 26.73 -11.60 2.82
C ASN A 377 26.43 -12.90 2.09
N ALA A 378 25.57 -13.74 2.67
CA ALA A 378 25.22 -15.00 2.03
C ALA A 378 24.38 -14.77 0.78
N VAL A 379 23.47 -13.81 0.81
CA VAL A 379 22.68 -13.47 -0.38
C VAL A 379 23.60 -12.96 -1.49
N ALA A 380 24.53 -12.08 -1.13
CA ALA A 380 25.48 -11.59 -2.12
C ALA A 380 26.34 -12.74 -2.67
N ASP A 381 26.67 -13.71 -1.81
CA ASP A 381 27.53 -14.81 -2.25
C ASP A 381 26.78 -15.75 -3.19
N HIS A 382 25.49 -16.00 -2.94
CA HIS A 382 24.78 -17.07 -3.62
C HIS A 382 23.74 -16.61 -4.63
N MET A 383 23.23 -15.38 -4.54
CA MET A 383 22.27 -14.87 -5.52
C MET A 383 22.51 -13.39 -5.77
N PRO A 384 23.69 -13.03 -6.28
CA PRO A 384 23.99 -11.60 -6.47
C PRO A 384 23.05 -10.90 -7.46
N ASP A 385 22.37 -11.64 -8.32
CA ASP A 385 21.53 -11.05 -9.36
C ASP A 385 20.04 -11.22 -9.08
N LEU A 386 19.68 -11.44 -7.82
CA LEU A 386 18.27 -11.62 -7.46
CA LEU A 386 18.28 -11.62 -7.47
C LEU A 386 17.48 -10.38 -7.84
N LYS A 387 16.22 -10.60 -8.27
CA LYS A 387 15.32 -9.56 -8.71
C LYS A 387 13.92 -9.87 -8.21
N PRO A 388 13.17 -8.87 -7.78
CA PRO A 388 11.79 -9.11 -7.33
C PRO A 388 10.89 -9.51 -8.49
N ILE A 389 9.88 -10.32 -8.17
CA ILE A 389 8.88 -10.74 -9.14
C ILE A 389 7.61 -9.90 -9.01
N SER A 390 7.14 -9.65 -7.79
CA SER A 390 5.93 -8.90 -7.57
C SER A 390 6.08 -8.07 -6.31
N ALA A 391 5.09 -7.22 -6.05
CA ALA A 391 5.16 -6.31 -4.93
C ALA A 391 4.97 -7.06 -3.60
N PRO A 392 5.56 -6.56 -2.52
CA PRO A 392 5.41 -7.23 -1.23
C PRO A 392 4.04 -7.02 -0.61
N GLU A 393 3.65 -7.97 0.23
CA GLU A 393 2.40 -7.91 0.98
C GLU A 393 2.71 -7.51 2.41
N ARG A 394 2.13 -6.40 2.86
CA ARG A 394 2.45 -5.86 4.17
C ARG A 394 1.57 -6.48 5.25
N LEU A 395 2.03 -6.38 6.49
CA LEU A 395 1.32 -6.90 7.65
C LEU A 395 0.36 -5.87 8.20
N ARG A 396 -0.87 -6.30 8.50
CA ARG A 396 -1.82 -5.43 9.19
C ARG A 396 -1.45 -5.40 10.67
N SER A 397 -0.88 -4.28 11.11
CA SER A 397 -0.53 -4.10 12.51
C SER A 397 -0.44 -2.61 12.78
N GLY A 398 -0.84 -2.23 13.99
CA GLY A 398 -0.80 -0.83 14.38
C GLY A 398 0.52 -0.35 14.93
N TRP A 399 1.54 -1.21 14.97
CA TRP A 399 2.78 -0.83 15.63
C TRP A 399 3.99 -1.61 15.11
N LEU A 400 3.75 -2.78 14.52
CA LEU A 400 4.81 -3.57 13.92
C LEU A 400 4.81 -3.36 12.41
N ASN A 401 6.00 -3.22 11.83
CA ASN A 401 6.15 -2.92 10.41
C ASN A 401 6.61 -4.21 9.73
N GLY A 402 5.66 -4.97 9.19
CA GLY A 402 5.93 -6.31 8.71
C GLY A 402 5.68 -6.49 7.23
N ILE A 403 6.47 -7.37 6.62
CA ILE A 403 6.24 -7.87 5.27
C ILE A 403 5.93 -9.35 5.37
N LYS A 404 4.72 -9.74 4.98
CA LYS A 404 4.32 -11.13 5.10
C LYS A 404 4.90 -11.98 3.97
N HIS A 405 4.91 -11.46 2.75
CA HIS A 405 5.33 -12.24 1.59
C HIS A 405 5.93 -11.31 0.55
N TRP A 406 6.89 -11.85 -0.21
CA TRP A 406 7.56 -11.08 -1.27
C TRP A 406 8.16 -12.07 -2.26
N GLN A 407 7.57 -12.16 -3.45
CA GLN A 407 8.06 -13.07 -4.47
C GLN A 407 9.24 -12.45 -5.21
N VAL A 408 10.35 -13.18 -5.26
CA VAL A 408 11.56 -12.68 -5.93
C VAL A 408 12.16 -13.81 -6.76
N ASP A 409 12.93 -13.41 -7.78
CA ASP A 409 13.63 -14.33 -8.66
C ASP A 409 15.10 -14.30 -8.28
N TYR A 410 15.59 -15.40 -7.69
CA TYR A 410 16.97 -15.45 -7.22
C TYR A 410 17.96 -15.47 -8.37
N THR A 411 17.65 -16.21 -9.45
CA THR A 411 18.59 -16.31 -10.55
C THR A 411 18.72 -14.99 -11.30
N GLY A 412 17.64 -14.22 -11.41
CA GLY A 412 17.67 -12.95 -12.11
C GLY A 412 17.72 -13.08 -13.62
N SER B 4 9.01 25.55 -1.90
CA SER B 4 9.31 24.14 -2.06
C SER B 4 8.46 23.28 -1.13
N PRO B 5 7.69 22.36 -1.69
CA PRO B 5 6.86 21.47 -0.87
C PRO B 5 7.71 20.49 -0.10
N ASN B 6 7.13 19.98 1.00
CA ASN B 6 7.83 19.07 1.90
C ASN B 6 7.71 17.64 1.38
N LEU B 7 8.41 17.38 0.28
CA LEU B 7 8.44 16.09 -0.38
C LEU B 7 9.86 15.52 -0.39
N PRO B 8 9.99 14.19 -0.44
CA PRO B 8 11.32 13.60 -0.58
C PRO B 8 11.97 14.03 -1.89
N PRO B 9 13.29 14.25 -1.88
CA PRO B 9 13.96 14.65 -3.12
C PRO B 9 13.75 13.65 -4.23
N GLY B 10 13.48 14.17 -5.43
CA GLY B 10 13.28 13.34 -6.61
C GLY B 10 11.91 12.73 -6.75
N PHE B 11 10.95 13.10 -5.89
CA PHE B 11 9.61 12.52 -5.93
C PHE B 11 8.95 12.76 -7.28
N ASP B 12 8.42 11.68 -7.87
CA ASP B 12 7.72 11.73 -9.15
C ASP B 12 6.32 11.20 -8.95
N PHE B 13 5.32 12.06 -9.14
CA PHE B 13 3.93 11.69 -8.91
C PHE B 13 3.38 10.75 -9.98
N THR B 14 4.17 10.40 -11.00
CA THR B 14 3.77 9.39 -11.99
C THR B 14 4.54 8.10 -11.82
N ASP B 15 5.31 7.95 -10.74
CA ASP B 15 6.07 6.74 -10.46
C ASP B 15 5.11 5.58 -10.26
N PRO B 16 5.12 4.58 -11.15
CA PRO B 16 4.23 3.42 -10.97
C PRO B 16 4.50 2.64 -9.70
N ALA B 17 5.72 2.72 -9.17
CA ALA B 17 6.03 2.01 -7.93
C ALA B 17 5.24 2.57 -6.75
N ILE B 18 4.88 3.85 -6.81
CA ILE B 18 4.04 4.43 -5.76
C ILE B 18 2.66 3.79 -5.78
N TYR B 19 2.01 3.75 -6.95
CA TYR B 19 0.63 3.31 -7.03
C TYR B 19 0.51 1.80 -6.90
N ALA B 20 1.58 1.04 -7.13
CA ALA B 20 1.58 -0.37 -6.80
C ALA B 20 1.34 -0.61 -5.31
N GLU B 21 1.64 0.38 -4.47
CA GLU B 21 1.49 0.27 -3.03
C GLU B 21 0.34 1.10 -2.49
N ARG B 22 0.17 2.33 -2.98
CA ARG B 22 -0.71 3.29 -2.32
C ARG B 22 -1.06 4.40 -3.29
N LEU B 23 -2.11 5.12 -2.94
CA LEU B 23 -2.38 6.43 -3.52
C LEU B 23 -1.68 7.50 -2.68
N PRO B 24 -0.86 8.36 -3.26
CA PRO B 24 -0.09 9.34 -2.47
C PRO B 24 -0.95 10.51 -2.01
N VAL B 25 -1.97 10.20 -1.20
CA VAL B 25 -2.91 11.22 -0.74
C VAL B 25 -2.18 12.35 -0.01
N ALA B 26 -1.36 11.99 0.99
CA ALA B 26 -0.70 13.02 1.79
C ALA B 26 0.23 13.88 0.96
N GLU B 27 0.95 13.26 0.02
CA GLU B 27 1.85 14.03 -0.84
C GLU B 27 1.08 15.00 -1.73
N PHE B 28 -0.05 14.56 -2.30
CA PHE B 28 -0.91 15.50 -3.02
C PHE B 28 -1.38 16.63 -2.12
N ALA B 29 -1.82 16.31 -0.90
CA ALA B 29 -2.25 17.35 0.03
C ALA B 29 -1.13 18.33 0.33
N GLU B 30 0.11 17.86 0.36
CA GLU B 30 1.23 18.77 0.57
C GLU B 30 1.39 19.72 -0.61
N LEU B 31 1.19 19.24 -1.83
CA LEU B 31 1.28 20.12 -2.99
C LEU B 31 0.16 21.17 -2.97
N ARG B 32 -1.09 20.72 -2.74
CA ARG B 32 -2.19 21.66 -2.68
C ARG B 32 -1.95 22.75 -1.63
N SER B 33 -1.24 22.42 -0.56
CA SER B 33 -1.03 23.37 0.52
C SER B 33 0.13 24.32 0.24
N ALA B 34 1.25 23.79 -0.28
CA ALA B 34 2.48 24.57 -0.38
C ALA B 34 2.91 24.89 -1.80
N ALA B 35 2.44 24.14 -2.80
CA ALA B 35 2.84 24.40 -4.19
C ALA B 35 1.81 23.78 -5.14
N PRO B 36 0.64 24.39 -5.29
CA PRO B 36 -0.44 23.74 -6.05
C PRO B 36 -0.10 23.49 -7.52
N ILE B 37 0.79 24.29 -8.10
CA ILE B 37 1.33 24.04 -9.42
C ILE B 37 2.84 23.92 -9.26
N TRP B 38 3.34 22.69 -9.35
CA TRP B 38 4.71 22.38 -8.96
C TRP B 38 5.40 21.63 -10.09
N TRP B 39 6.62 22.05 -10.40
CA TRP B 39 7.39 21.38 -11.45
C TRP B 39 7.87 20.02 -10.95
N ASN B 40 7.41 18.96 -11.59
CA ASN B 40 7.77 17.59 -11.22
C ASN B 40 8.95 17.17 -12.08
N GLY B 41 10.16 17.30 -11.53
CA GLY B 41 11.34 16.98 -12.30
C GLY B 41 11.48 15.48 -12.54
N GLN B 42 12.06 15.14 -13.69
CA GLN B 42 12.27 13.75 -14.07
C GLN B 42 13.68 13.60 -14.62
N ASP B 43 14.40 12.60 -14.12
CA ASP B 43 15.77 12.36 -14.53
C ASP B 43 15.80 11.81 -15.96
N PRO B 44 16.96 11.89 -16.63
CA PRO B 44 17.06 11.31 -17.97
C PRO B 44 16.72 9.83 -17.98
N GLY B 45 15.91 9.43 -18.96
CA GLY B 45 15.47 8.05 -19.06
C GLY B 45 14.45 7.63 -18.03
N LYS B 46 14.02 8.53 -17.14
CA LYS B 46 13.02 8.22 -16.13
C LYS B 46 11.71 8.96 -16.35
N GLY B 47 11.43 9.36 -17.59
CA GLY B 47 10.25 10.13 -17.91
C GLY B 47 9.04 9.34 -18.35
N GLY B 48 9.08 8.01 -18.27
CA GLY B 48 7.94 7.21 -18.70
C GLY B 48 7.64 7.29 -20.18
N GLY B 49 8.67 7.50 -21.01
CA GLY B 49 8.48 7.66 -22.44
C GLY B 49 8.62 9.08 -22.93
N PHE B 50 8.63 10.05 -22.02
CA PHE B 50 8.77 11.46 -22.37
C PHE B 50 10.13 11.94 -21.90
N HIS B 51 10.85 12.66 -22.77
CA HIS B 51 12.22 13.05 -22.48
C HIS B 51 12.36 14.57 -22.48
N ASP B 52 11.45 15.25 -21.79
CA ASP B 52 11.41 16.70 -21.78
C ASP B 52 11.84 17.29 -20.44
N GLY B 53 12.32 16.46 -19.51
CA GLY B 53 12.83 16.92 -18.24
C GLY B 53 11.83 16.88 -17.09
N GLY B 54 10.54 16.76 -17.39
CA GLY B 54 9.54 16.69 -16.34
C GLY B 54 8.23 17.30 -16.83
N PHE B 55 7.42 17.70 -15.86
CA PHE B 55 6.08 18.23 -16.15
C PHE B 55 5.61 19.09 -14.99
N TRP B 56 4.59 19.90 -15.26
CA TRP B 56 3.91 20.67 -14.23
C TRP B 56 2.84 19.81 -13.58
N ALA B 57 2.91 19.66 -12.26
CA ALA B 57 1.90 18.94 -11.52
C ALA B 57 0.74 19.89 -11.20
N ILE B 58 -0.46 19.51 -11.62
CA ILE B 58 -1.67 20.30 -11.39
C ILE B 58 -2.50 19.57 -10.34
N THR B 59 -2.70 20.21 -9.19
CA THR B 59 -3.35 19.56 -8.06
C THR B 59 -4.65 20.21 -7.61
N LYS B 60 -5.00 21.39 -8.13
CA LYS B 60 -6.21 22.08 -7.71
C LYS B 60 -7.31 21.87 -8.73
N LEU B 61 -8.55 21.70 -8.23
CA LEU B 61 -9.67 21.38 -9.11
C LEU B 61 -9.94 22.52 -10.09
N ASN B 62 -9.90 23.77 -9.62
CA ASN B 62 -10.12 24.90 -10.52
C ASN B 62 -9.08 24.95 -11.63
N ASP B 63 -7.83 24.61 -11.32
CA ASP B 63 -6.81 24.61 -12.35
C ASP B 63 -7.01 23.43 -13.32
N VAL B 64 -7.47 22.30 -12.81
CA VAL B 64 -7.76 21.16 -13.69
C VAL B 64 -8.89 21.52 -14.65
N LYS B 65 -9.94 22.18 -14.14
CA LYS B 65 -11.02 22.61 -15.02
C LYS B 65 -10.54 23.64 -16.04
N GLU B 66 -9.71 24.59 -15.62
CA GLU B 66 -9.25 25.63 -16.53
C GLU B 66 -8.46 25.03 -17.70
N ILE B 67 -7.53 24.12 -17.41
CA ILE B 67 -6.78 23.45 -18.46
C ILE B 67 -7.72 22.69 -19.39
N SER B 68 -8.69 21.98 -18.82
CA SER B 68 -9.59 21.15 -19.62
C SER B 68 -10.47 22.00 -20.53
N ARG B 69 -10.93 23.16 -20.04
CA ARG B 69 -11.77 24.04 -20.84
C ARG B 69 -10.98 24.80 -21.89
N HIS B 70 -9.67 24.94 -21.73
CA HIS B 70 -8.83 25.64 -22.71
C HIS B 70 -8.10 24.64 -23.59
N SER B 71 -8.89 23.79 -24.26
CA SER B 71 -8.33 22.77 -25.13
C SER B 71 -7.66 23.36 -26.37
N ASP B 72 -7.96 24.63 -26.69
CA ASP B 72 -7.25 25.28 -27.79
C ASP B 72 -5.77 25.48 -27.47
N VAL B 73 -5.45 25.71 -26.20
CA VAL B 73 -4.07 25.91 -25.77
C VAL B 73 -3.44 24.62 -25.27
N PHE B 74 -4.17 23.86 -24.47
CA PHE B 74 -3.64 22.65 -23.84
C PHE B 74 -4.08 21.45 -24.68
N SER B 75 -3.13 20.92 -25.46
CA SER B 75 -3.43 19.94 -26.48
C SER B 75 -3.41 18.52 -25.93
N SER B 76 -4.32 17.69 -26.43
CA SER B 76 -4.28 16.26 -26.18
C SER B 76 -3.47 15.52 -27.25
N TYR B 77 -3.36 16.10 -28.45
CA TYR B 77 -2.73 15.43 -29.58
C TYR B 77 -1.21 15.43 -29.47
N GLU B 78 -0.62 16.53 -28.97
CA GLU B 78 0.83 16.73 -29.09
C GLU B 78 1.61 15.59 -28.46
N ASN B 79 1.23 15.18 -27.25
CA ASN B 79 1.93 14.11 -26.55
C ASN B 79 0.99 13.05 -26.00
N GLY B 80 -0.27 13.02 -26.44
CA GLY B 80 -1.25 12.13 -25.85
C GLY B 80 -1.62 12.59 -24.45
N VAL B 81 -2.57 11.89 -23.85
CA VAL B 81 -3.05 12.25 -22.52
C VAL B 81 -2.52 11.33 -21.43
N ILE B 82 -2.02 10.15 -21.79
CA ILE B 82 -1.46 9.25 -20.78
C ILE B 82 -0.09 9.79 -20.39
N PRO B 83 0.13 10.13 -19.12
CA PRO B 83 1.39 10.77 -18.72
C PRO B 83 2.53 9.81 -18.38
N ARG B 84 2.32 8.49 -18.49
CA ARG B 84 3.36 7.55 -18.09
C ARG B 84 3.22 6.25 -18.86
N PHE B 85 4.27 5.87 -19.57
CA PHE B 85 4.42 4.55 -20.17
C PHE B 85 5.67 3.90 -19.59
N LYS B 86 5.99 2.71 -20.10
CA LYS B 86 7.27 2.09 -19.78
C LYS B 86 8.41 2.95 -20.32
N ASN B 87 9.49 3.03 -19.55
CA ASN B 87 10.51 4.07 -19.77
C ASN B 87 11.11 4.01 -21.18
N ASP B 88 11.21 2.82 -21.76
CA ASP B 88 11.85 2.68 -23.06
C ASP B 88 10.86 2.57 -24.22
N ILE B 89 9.64 3.09 -24.06
CA ILE B 89 8.66 3.04 -25.13
C ILE B 89 9.13 3.91 -26.30
N ALA B 90 8.94 3.40 -27.52
CA ALA B 90 9.28 4.18 -28.70
C ALA B 90 8.29 5.31 -28.89
N ARG B 91 8.79 6.44 -29.38
CA ARG B 91 7.93 7.60 -29.61
C ARG B 91 6.76 7.27 -30.53
N GLU B 92 7.00 6.39 -31.52
CA GLU B 92 5.94 6.04 -32.46
C GLU B 92 4.79 5.33 -31.76
N ASP B 93 5.07 4.58 -30.69
CA ASP B 93 4.01 3.91 -29.95
C ASP B 93 3.20 4.89 -29.10
N ILE B 94 3.76 6.04 -28.76
CA ILE B 94 2.98 7.08 -28.11
C ILE B 94 2.08 7.77 -29.13
N GLU B 95 2.59 8.03 -30.33
CA GLU B 95 1.88 8.81 -31.32
C GLU B 95 0.75 8.03 -32.00
N VAL B 96 0.81 6.69 -31.98
CA VAL B 96 -0.26 5.92 -32.59
C VAL B 96 -1.56 6.10 -31.81
N GLN B 97 -1.47 6.54 -30.56
CA GLN B 97 -2.66 6.84 -29.77
C GLN B 97 -3.50 7.95 -30.39
N ARG B 98 -2.92 8.76 -31.28
CA ARG B 98 -3.65 9.84 -31.91
C ARG B 98 -4.81 9.34 -32.79
N PHE B 99 -4.87 8.04 -33.06
CA PHE B 99 -5.95 7.50 -33.87
C PHE B 99 -7.26 7.32 -33.12
N VAL B 100 -7.27 7.50 -31.80
CA VAL B 100 -8.50 7.47 -31.02
C VAL B 100 -8.86 8.89 -30.61
N MET B 101 -10.15 9.16 -30.51
CA MET B 101 -10.67 10.51 -30.29
CA MET B 101 -10.61 10.53 -30.32
C MET B 101 -10.12 11.12 -29.01
N LEU B 102 -9.77 10.30 -28.02
CA LEU B 102 -9.25 10.83 -26.75
C LEU B 102 -7.97 11.62 -26.94
N ASN B 103 -7.20 11.31 -27.99
CA ASN B 103 -5.91 11.95 -28.23
C ASN B 103 -5.92 12.80 -29.51
N MET B 104 -7.06 13.40 -29.83
CA MET B 104 -7.15 14.33 -30.95
C MET B 104 -7.55 15.71 -30.47
N ASP B 105 -7.26 16.71 -31.30
CA ASP B 105 -7.65 18.09 -31.07
C ASP B 105 -8.64 18.52 -32.14
N ALA B 106 -9.34 19.61 -31.87
CA ALA B 106 -10.24 20.19 -32.85
C ALA B 106 -9.46 20.60 -34.09
N PRO B 107 -10.09 20.58 -35.28
CA PRO B 107 -11.49 20.24 -35.56
C PRO B 107 -11.70 18.73 -35.76
N HIS B 108 -10.62 17.96 -35.93
CA HIS B 108 -10.76 16.52 -36.12
C HIS B 108 -11.55 15.88 -34.99
N HIS B 109 -11.25 16.28 -33.75
CA HIS B 109 -11.97 15.74 -32.60
C HIS B 109 -13.43 16.16 -32.63
N THR B 110 -13.72 17.39 -33.06
CA THR B 110 -15.09 17.89 -33.07
C THR B 110 -15.98 17.04 -33.97
N ARG B 111 -15.52 16.77 -35.18
CA ARG B 111 -16.29 15.93 -36.10
C ARG B 111 -16.52 14.54 -35.52
N LEU B 112 -15.46 13.91 -35.04
CA LEU B 112 -15.57 12.56 -34.51
C LEU B 112 -16.50 12.52 -33.30
N ARG B 113 -16.34 13.47 -32.38
CA ARG B 113 -17.19 13.48 -31.20
C ARG B 113 -18.65 13.71 -31.57
N LYS B 114 -18.91 14.58 -32.55
CA LYS B 114 -20.28 14.85 -32.96
C LYS B 114 -20.96 13.59 -33.48
N ILE B 115 -20.21 12.73 -34.16
CA ILE B 115 -20.77 11.49 -34.68
C ILE B 115 -20.91 10.45 -33.57
N ILE B 116 -19.87 10.30 -32.73
CA ILE B 116 -19.90 9.31 -31.67
C ILE B 116 -20.99 9.61 -30.64
N SER B 117 -21.30 10.90 -30.44
CA SER B 117 -22.29 11.28 -29.43
C SER B 117 -23.63 10.58 -29.65
N ARG B 118 -23.93 10.21 -30.89
CA ARG B 118 -25.17 9.47 -31.16
CA ARG B 118 -25.17 9.47 -31.16
C ARG B 118 -25.22 8.19 -30.35
N GLY B 119 -24.08 7.53 -30.15
CA GLY B 119 -24.03 6.29 -29.41
C GLY B 119 -24.15 6.45 -27.91
N PHE B 120 -24.07 7.67 -27.39
CA PHE B 120 -24.09 7.91 -25.96
C PHE B 120 -25.16 8.92 -25.57
N THR B 121 -26.21 9.02 -26.37
CA THR B 121 -27.36 9.82 -25.95
C THR B 121 -27.92 9.24 -24.66
N PRO B 122 -28.55 10.08 -23.83
CA PRO B 122 -29.29 9.53 -22.68
C PRO B 122 -30.21 8.39 -23.07
N ARG B 123 -30.81 8.46 -24.26
CA ARG B 123 -31.72 7.42 -24.70
C ARG B 123 -30.99 6.13 -25.02
N ALA B 124 -29.91 6.21 -25.80
CA ALA B 124 -29.15 5.01 -26.15
C ALA B 124 -28.63 4.32 -24.90
N VAL B 125 -28.15 5.10 -23.91
CA VAL B 125 -27.72 4.51 -22.65
C VAL B 125 -28.91 3.93 -21.90
N GLY B 126 -30.06 4.61 -21.94
CA GLY B 126 -31.23 4.13 -21.24
C GLY B 126 -31.75 2.80 -21.77
N ARG B 127 -31.54 2.53 -23.06
CA ARG B 127 -31.96 1.25 -23.63
C ARG B 127 -31.22 0.08 -23.00
N LEU B 128 -30.00 0.29 -22.50
CA LEU B 128 -29.21 -0.77 -21.92
C LEU B 128 -29.58 -1.08 -20.48
N HIS B 129 -30.44 -0.27 -19.86
CA HIS B 129 -30.76 -0.42 -18.45
C HIS B 129 -31.27 -1.82 -18.12
N ASP B 130 -32.27 -2.28 -18.88
CA ASP B 130 -32.91 -3.55 -18.54
C ASP B 130 -31.92 -4.71 -18.61
N GLU B 131 -31.19 -4.82 -19.72
CA GLU B 131 -30.28 -5.95 -19.87
C GLU B 131 -29.13 -5.88 -18.86
N LEU B 132 -28.67 -4.68 -18.53
CA LEU B 132 -27.62 -4.54 -17.54
C LEU B 132 -28.15 -4.73 -16.13
N GLN B 133 -29.41 -4.36 -15.88
CA GLN B 133 -30.03 -4.65 -14.60
C GLN B 133 -30.13 -6.16 -14.39
N GLU B 134 -30.72 -6.86 -15.36
CA GLU B 134 -30.79 -8.32 -15.29
CA GLU B 134 -30.80 -8.32 -15.28
C GLU B 134 -29.41 -8.93 -15.09
N ARG B 135 -28.42 -8.41 -15.81
CA ARG B 135 -27.06 -8.96 -15.70
C ARG B 135 -26.46 -8.69 -14.32
N ALA B 136 -26.68 -7.50 -13.78
CA ALA B 136 -26.13 -7.17 -12.47
C ALA B 136 -26.72 -8.06 -11.39
N GLN B 137 -28.03 -8.30 -11.43
CA GLN B 137 -28.66 -9.19 -10.45
C GLN B 137 -28.08 -10.60 -10.54
N LYS B 138 -27.88 -11.09 -11.76
CA LYS B 138 -27.33 -12.44 -11.91
CA LYS B 138 -27.31 -12.43 -11.96
C LYS B 138 -25.89 -12.50 -11.42
N ILE B 139 -25.09 -11.47 -11.69
CA ILE B 139 -23.71 -11.45 -11.22
C ILE B 139 -23.66 -11.44 -9.70
N ALA B 140 -24.52 -10.63 -9.06
CA ALA B 140 -24.55 -10.58 -7.61
C ALA B 140 -25.07 -11.89 -7.02
N ALA B 141 -26.17 -12.41 -7.55
CA ALA B 141 -26.70 -13.68 -7.08
C ALA B 141 -25.65 -14.78 -7.18
N GLU B 142 -24.94 -14.84 -8.31
CA GLU B 142 -23.94 -15.88 -8.50
C GLU B 142 -22.78 -15.73 -7.51
N ALA B 143 -22.34 -14.49 -7.27
CA ALA B 143 -21.27 -14.27 -6.31
C ALA B 143 -21.71 -14.63 -4.90
N ALA B 144 -22.92 -14.22 -4.51
CA ALA B 144 -23.43 -14.55 -3.18
C ALA B 144 -23.50 -16.06 -2.98
N ALA B 145 -23.90 -16.79 -4.01
CA ALA B 145 -23.99 -18.24 -3.92
C ALA B 145 -22.62 -18.89 -3.78
N ALA B 146 -21.56 -18.22 -4.23
CA ALA B 146 -20.22 -18.74 -4.05
C ALA B 146 -19.70 -18.55 -2.63
N GLY B 147 -20.37 -17.76 -1.81
CA GLY B 147 -19.97 -17.53 -0.42
C GLY B 147 -18.83 -16.54 -0.22
N SER B 148 -17.77 -16.66 -1.01
CA SER B 148 -16.61 -15.78 -0.90
C SER B 148 -15.78 -15.92 -2.16
N GLY B 149 -14.84 -15.00 -2.34
CA GLY B 149 -13.94 -15.04 -3.48
C GLY B 149 -13.42 -13.65 -3.80
N ASP B 150 -12.84 -13.54 -4.99
CA ASP B 150 -12.23 -12.29 -5.45
C ASP B 150 -13.31 -11.35 -5.95
N PHE B 151 -13.55 -10.27 -5.21
CA PHE B 151 -14.61 -9.33 -5.56
C PHE B 151 -14.38 -8.71 -6.93
N VAL B 152 -13.12 -8.46 -7.30
CA VAL B 152 -12.81 -7.85 -8.58
C VAL B 152 -13.34 -8.70 -9.72
N GLU B 153 -13.03 -10.00 -9.70
CA GLU B 153 -13.44 -10.88 -10.78
C GLU B 153 -14.92 -11.24 -10.68
N GLN B 154 -15.43 -11.43 -9.47
CA GLN B 154 -16.78 -11.93 -9.30
C GLN B 154 -17.85 -10.85 -9.38
N VAL B 155 -17.51 -9.59 -9.11
CA VAL B 155 -18.53 -8.55 -9.03
C VAL B 155 -18.19 -7.37 -9.93
N SER B 156 -16.91 -7.00 -9.98
CA SER B 156 -16.52 -5.74 -10.61
C SER B 156 -16.23 -5.86 -12.10
N CYS B 157 -15.77 -7.03 -12.56
CA CYS B 157 -15.18 -7.13 -13.89
CA CYS B 157 -15.17 -7.13 -13.89
C CYS B 157 -16.23 -7.20 -14.99
N GLU B 158 -17.25 -8.05 -14.83
CA GLU B 158 -18.08 -8.41 -15.98
C GLU B 158 -18.97 -7.28 -16.46
N LEU B 159 -19.68 -6.61 -15.54
CA LEU B 159 -20.72 -5.68 -15.97
C LEU B 159 -20.21 -4.53 -16.82
N PRO B 160 -19.04 -3.92 -16.56
CA PRO B 160 -18.54 -2.91 -17.51
C PRO B 160 -18.33 -3.46 -18.91
N LEU B 161 -17.87 -4.71 -19.02
CA LEU B 161 -17.67 -5.30 -20.35
C LEU B 161 -19.00 -5.61 -21.03
N GLN B 162 -20.00 -6.05 -20.26
CA GLN B 162 -21.32 -6.28 -20.84
C GLN B 162 -21.95 -4.98 -21.33
N ALA B 163 -21.65 -3.86 -20.66
CA ALA B 163 -22.16 -2.57 -21.12
C ALA B 163 -21.56 -2.19 -22.47
N ILE B 164 -20.26 -2.43 -22.64
CA ILE B 164 -19.63 -2.17 -23.94
C ILE B 164 -20.21 -3.09 -25.00
N ALA B 165 -20.32 -4.39 -24.69
CA ALA B 165 -20.85 -5.35 -25.65
C ALA B 165 -22.31 -5.02 -25.99
N GLY B 166 -23.10 -4.66 -24.98
CA GLY B 166 -24.49 -4.29 -25.24
C GLY B 166 -24.60 -3.02 -26.07
N LEU B 167 -23.73 -2.04 -25.81
CA LEU B 167 -23.75 -0.81 -26.59
C LEU B 167 -23.43 -1.08 -28.05
N LEU B 168 -22.48 -1.98 -28.32
CA LEU B 168 -22.04 -2.28 -29.67
C LEU B 168 -22.87 -3.35 -30.35
N GLY B 169 -23.82 -3.97 -29.64
CA GLY B 169 -24.61 -5.03 -30.23
C GLY B 169 -23.81 -6.28 -30.55
N VAL B 170 -22.79 -6.58 -29.76
CA VAL B 170 -21.94 -7.74 -30.04
C VAL B 170 -22.73 -9.02 -29.78
N PRO B 171 -22.75 -9.96 -30.73
CA PRO B 171 -23.43 -11.24 -30.48
C PRO B 171 -22.84 -11.94 -29.26
N GLN B 172 -23.70 -12.69 -28.56
CA GLN B 172 -23.29 -13.33 -27.33
C GLN B 172 -22.12 -14.28 -27.55
N GLU B 173 -22.13 -15.02 -28.67
CA GLU B 173 -21.05 -15.98 -28.93
C GLU B 173 -19.71 -15.29 -29.13
N ASP B 174 -19.70 -14.00 -29.45
CA ASP B 174 -18.47 -13.25 -29.69
C ASP B 174 -17.96 -12.51 -28.47
N ARG B 175 -18.73 -12.44 -27.39
CA ARG B 175 -18.34 -11.60 -26.27
C ARG B 175 -17.13 -12.14 -25.54
N GLY B 176 -16.90 -13.46 -25.60
CA GLY B 176 -15.72 -14.01 -24.97
C GLY B 176 -14.43 -13.45 -25.53
N LYS B 177 -14.28 -13.49 -26.86
CA LYS B 177 -13.06 -12.96 -27.46
C LYS B 177 -13.01 -11.44 -27.39
N LEU B 178 -14.17 -10.77 -27.44
CA LEU B 178 -14.19 -9.32 -27.23
C LEU B 178 -13.69 -8.97 -25.85
N PHE B 179 -14.18 -9.67 -24.82
CA PHE B 179 -13.74 -9.40 -23.46
C PHE B 179 -12.26 -9.73 -23.30
N HIS B 180 -11.81 -10.81 -23.94
CA HIS B 180 -10.40 -11.18 -23.86
C HIS B 180 -9.52 -10.10 -24.48
N TRP B 181 -9.83 -9.69 -25.71
CA TRP B 181 -9.07 -8.61 -26.34
C TRP B 181 -9.11 -7.34 -25.51
N SER B 182 -10.29 -6.98 -25.01
CA SER B 182 -10.42 -5.78 -24.19
C SER B 182 -9.57 -5.86 -22.94
N ASN B 183 -9.60 -7.01 -22.26
CA ASN B 183 -8.74 -7.20 -21.09
C ASN B 183 -7.29 -7.34 -21.50
N GLU B 184 -7.04 -7.84 -22.71
CA GLU B 184 -5.66 -8.06 -23.14
C GLU B 184 -5.03 -6.72 -23.51
N MET B 185 -5.85 -5.77 -23.96
CA MET B 185 -5.39 -4.41 -24.24
C MET B 185 -4.81 -3.73 -23.03
N THR B 186 -5.21 -4.13 -21.83
CA THR B 186 -4.70 -3.49 -20.63
C THR B 186 -3.17 -3.55 -20.58
N GLY B 187 -2.60 -4.68 -21.01
CA GLY B 187 -1.16 -4.85 -21.15
C GLY B 187 -0.38 -4.17 -20.05
N ASN B 188 -0.84 -4.34 -18.82
CA ASN B 188 -0.41 -3.49 -17.73
C ASN B 188 1.08 -3.61 -17.48
N GLU B 189 1.66 -2.52 -16.99
CA GLU B 189 3.04 -2.53 -16.55
C GLU B 189 3.20 -3.24 -15.21
N ASP B 190 2.11 -3.80 -14.69
CA ASP B 190 2.17 -4.61 -13.48
C ASP B 190 2.78 -5.97 -13.80
N PRO B 191 3.59 -6.53 -12.90
CA PRO B 191 4.25 -7.81 -13.20
C PRO B 191 3.29 -8.95 -13.48
N GLU B 192 2.12 -8.97 -12.83
CA GLU B 192 1.11 -10.00 -13.13
C GLU B 192 0.67 -9.94 -14.59
N TYR B 193 0.81 -8.79 -15.24
CA TYR B 193 0.33 -8.59 -16.60
C TYR B 193 1.45 -8.25 -17.56
N ALA B 194 2.66 -8.75 -17.29
CA ALA B 194 3.76 -8.58 -18.24
C ALA B 194 3.64 -9.52 -19.43
N HIS B 195 2.68 -10.45 -19.40
CA HIS B 195 2.50 -11.45 -20.45
C HIS B 195 1.70 -10.94 -21.63
N ILE B 196 1.09 -9.77 -21.52
CA ILE B 196 0.19 -9.27 -22.55
C ILE B 196 0.90 -8.44 -23.61
N ASP B 197 0.40 -8.60 -24.85
CA ASP B 197 0.80 -7.84 -26.02
C ASP B 197 -0.39 -7.01 -26.47
N PRO B 198 -0.56 -5.79 -25.94
CA PRO B 198 -1.73 -4.98 -26.35
C PRO B 198 -1.76 -4.67 -27.83
N LYS B 199 -0.62 -4.73 -28.53
CA LYS B 199 -0.60 -4.41 -29.94
C LYS B 199 -1.29 -5.47 -30.78
N ALA B 200 -1.06 -6.75 -30.45
CA ALA B 200 -1.66 -7.83 -31.23
C ALA B 200 -3.16 -7.94 -30.96
N SER B 201 -3.58 -7.75 -29.71
CA SER B 201 -5.00 -7.83 -29.38
C SER B 201 -5.77 -6.65 -29.96
N SER B 202 -5.15 -5.47 -30.03
CA SER B 202 -5.80 -4.31 -30.65
C SER B 202 -6.06 -4.57 -32.12
N ALA B 203 -5.12 -5.24 -32.79
CA ALA B 203 -5.31 -5.54 -34.21
C ALA B 203 -6.47 -6.51 -34.42
N GLU B 204 -6.59 -7.52 -33.56
CA GLU B 204 -7.73 -8.42 -33.67
C GLU B 204 -9.04 -7.73 -33.32
N LEU B 205 -8.99 -6.77 -32.40
CA LEU B 205 -10.19 -5.98 -32.10
C LEU B 205 -10.59 -5.13 -33.29
N ILE B 206 -9.63 -4.44 -33.91
CA ILE B 206 -9.92 -3.62 -35.08
C ILE B 206 -10.44 -4.48 -36.21
N GLY B 207 -9.81 -5.64 -36.44
CA GLY B 207 -10.30 -6.54 -37.48
C GLY B 207 -11.71 -7.00 -37.23
N TYR B 208 -12.05 -7.32 -35.97
CA TYR B 208 -13.42 -7.70 -35.64
C TYR B 208 -14.36 -6.52 -35.86
N ALA B 209 -13.96 -5.32 -35.44
CA ALA B 209 -14.82 -4.16 -35.57
C ALA B 209 -15.07 -3.82 -37.03
N MET B 210 -14.04 -3.91 -37.87
CA MET B 210 -14.20 -3.56 -39.27
C MET B 210 -15.08 -4.60 -39.99
N LYS B 211 -14.96 -5.87 -39.61
CA LYS B 211 -15.87 -6.87 -40.14
C LYS B 211 -17.31 -6.58 -39.74
N MET B 212 -17.51 -6.15 -38.49
CA MET B 212 -18.86 -5.76 -38.04
C MET B 212 -19.40 -4.58 -38.83
N ALA B 213 -18.55 -3.59 -39.10
CA ALA B 213 -19.00 -2.40 -39.82
C ALA B 213 -19.43 -2.74 -41.24
N GLU B 214 -18.75 -3.69 -41.87
CA GLU B 214 -19.11 -4.06 -43.24
C GLU B 214 -20.36 -4.91 -43.27
N GLU B 215 -20.54 -5.78 -42.27
CA GLU B 215 -21.77 -6.56 -42.18
C GLU B 215 -22.99 -5.66 -41.96
N LYS B 216 -22.87 -4.67 -41.07
CA LYS B 216 -23.98 -3.79 -40.79
C LYS B 216 -24.33 -2.91 -41.98
N ALA B 217 -23.35 -2.59 -42.83
CA ALA B 217 -23.65 -1.86 -44.05
C ALA B 217 -24.52 -2.68 -44.98
N LYS B 218 -24.31 -4.00 -45.03
CA LYS B 218 -25.12 -4.89 -45.85
C LYS B 218 -26.39 -5.35 -45.16
N ASN B 219 -26.42 -5.36 -43.83
CA ASN B 219 -27.58 -5.81 -43.06
C ASN B 219 -27.90 -4.77 -41.98
N PRO B 220 -28.33 -3.57 -42.37
CA PRO B 220 -28.55 -2.51 -41.38
C PRO B 220 -29.72 -2.84 -40.47
N ALA B 221 -29.53 -2.61 -39.17
CA ALA B 221 -30.57 -2.81 -38.17
C ALA B 221 -30.72 -1.55 -37.33
N ASP B 222 -31.54 -1.61 -36.28
CA ASP B 222 -31.71 -0.47 -35.38
C ASP B 222 -30.78 -0.69 -34.19
N ASP B 223 -29.51 -0.33 -34.39
CA ASP B 223 -28.52 -0.40 -33.32
C ASP B 223 -27.57 0.78 -33.50
N ILE B 224 -26.63 0.89 -32.56
CA ILE B 224 -25.69 2.01 -32.57
C ILE B 224 -24.72 1.89 -33.74
N VAL B 225 -24.25 0.67 -34.03
CA VAL B 225 -23.26 0.49 -35.09
C VAL B 225 -23.81 0.99 -36.42
N THR B 226 -25.06 0.63 -36.74
CA THR B 226 -25.66 1.08 -37.98
C THR B 226 -25.70 2.60 -38.06
N GLN B 227 -26.13 3.25 -36.97
CA GLN B 227 -26.19 4.71 -36.94
C GLN B 227 -24.83 5.37 -37.05
N LEU B 228 -23.75 4.69 -36.68
CA LEU B 228 -22.43 5.30 -36.76
C LEU B 228 -21.84 5.20 -38.16
N ILE B 229 -22.11 4.10 -38.87
CA ILE B 229 -21.55 3.89 -40.20
C ILE B 229 -22.56 4.21 -41.30
N GLN B 230 -23.70 4.81 -40.95
CA GLN B 230 -24.69 5.22 -41.92
C GLN B 230 -24.67 6.74 -42.01
N ALA B 231 -24.51 7.26 -43.23
CA ALA B 231 -24.47 8.69 -43.43
C ALA B 231 -25.79 9.32 -43.01
N ASP B 232 -25.72 10.38 -42.22
CA ASP B 232 -26.89 11.17 -41.86
C ASP B 232 -27.24 12.10 -43.02
N ILE B 233 -28.12 13.07 -42.77
CA ILE B 233 -28.50 14.01 -43.84
C ILE B 233 -27.28 14.81 -44.27
N ASP B 234 -26.42 15.16 -43.31
CA ASP B 234 -25.24 15.96 -43.58
C ASP B 234 -24.09 15.16 -44.20
N GLY B 235 -24.29 13.87 -44.46
CA GLY B 235 -23.26 13.04 -45.03
C GLY B 235 -22.16 12.64 -44.07
N GLU B 236 -22.35 12.82 -42.77
CA GLU B 236 -21.35 12.46 -41.79
C GLU B 236 -21.52 11.01 -41.35
N LYS B 237 -20.39 10.32 -41.20
CA LYS B 237 -20.37 8.91 -40.84
C LYS B 237 -18.96 8.52 -40.45
N LEU B 238 -18.84 7.40 -39.75
CA LEU B 238 -17.54 6.81 -39.45
C LEU B 238 -17.12 5.91 -40.61
N SER B 239 -15.91 6.10 -41.10
CA SER B 239 -15.34 5.11 -41.99
C SER B 239 -15.16 3.80 -41.23
N ASP B 240 -15.00 2.70 -41.99
CA ASP B 240 -14.75 1.41 -41.36
C ASP B 240 -13.54 1.48 -40.43
N ASP B 241 -12.48 2.17 -40.86
CA ASP B 241 -11.32 2.32 -40.01
C ASP B 241 -11.63 3.12 -38.76
N GLU B 242 -12.39 4.21 -38.91
CA GLU B 242 -12.71 5.05 -37.76
C GLU B 242 -13.59 4.29 -36.75
N PHE B 243 -14.50 3.45 -37.25
CA PHE B 243 -15.30 2.63 -36.34
C PHE B 243 -14.41 1.65 -35.57
N GLY B 244 -13.42 1.07 -36.24
CA GLY B 244 -12.49 0.18 -35.55
C GLY B 244 -11.76 0.87 -34.41
N PHE B 245 -11.28 2.10 -34.66
CA PHE B 245 -10.63 2.87 -33.61
C PHE B 245 -11.61 3.27 -32.52
N PHE B 246 -12.89 3.48 -32.87
CA PHE B 246 -13.89 3.76 -31.86
C PHE B 246 -14.12 2.55 -30.96
N VAL B 247 -14.15 1.35 -31.55
CA VAL B 247 -14.34 0.15 -30.75
C VAL B 247 -13.14 -0.10 -29.85
N VAL B 248 -11.92 0.06 -30.40
CA VAL B 248 -10.71 -0.06 -29.58
C VAL B 248 -10.77 0.92 -28.42
N MET B 249 -11.16 2.16 -28.69
CA MET B 249 -11.25 3.16 -27.63
CA MET B 249 -11.23 3.13 -27.61
C MET B 249 -12.28 2.75 -26.58
N LEU B 250 -13.41 2.19 -27.01
CA LEU B 250 -14.42 1.77 -26.04
C LEU B 250 -13.92 0.61 -25.21
N ALA B 251 -13.33 -0.40 -25.86
CA ALA B 251 -12.91 -1.60 -25.16
C ALA B 251 -11.88 -1.31 -24.08
N VAL B 252 -11.11 -0.24 -24.23
CA VAL B 252 -10.19 0.15 -23.17
C VAL B 252 -10.86 1.14 -22.20
N ALA B 253 -11.66 2.07 -22.71
CA ALA B 253 -12.12 3.17 -21.87
C ALA B 253 -13.28 2.78 -20.96
N GLY B 254 -14.15 1.89 -21.41
CA GLY B 254 -15.28 1.43 -20.63
C GLY B 254 -15.02 0.19 -19.80
N ASN B 255 -13.77 -0.23 -19.67
CA ASN B 255 -13.46 -1.50 -19.00
C ASN B 255 -12.92 -1.25 -17.60
N GLU B 256 -11.62 -0.97 -17.49
CA GLU B 256 -10.98 -0.94 -16.18
C GLU B 256 -11.51 0.19 -15.30
N THR B 257 -11.78 1.36 -15.88
CA THR B 257 -12.18 2.51 -15.07
C THR B 257 -13.45 2.22 -14.28
N THR B 258 -14.50 1.77 -14.96
CA THR B 258 -15.73 1.41 -14.25
C THR B 258 -15.48 0.28 -13.26
N ARG B 259 -14.73 -0.74 -13.69
CA ARG B 259 -14.39 -1.86 -12.82
C ARG B 259 -13.79 -1.36 -11.50
N ASN B 260 -12.82 -0.45 -11.58
CA ASN B 260 -12.13 0.00 -10.38
C ASN B 260 -12.97 0.96 -9.55
N SER B 261 -13.91 1.67 -10.19
CA SER B 261 -14.86 2.45 -9.42
C SER B 261 -15.76 1.54 -8.59
N ILE B 262 -16.12 0.38 -9.14
CA ILE B 262 -16.95 -0.56 -8.39
C ILE B 262 -16.19 -1.15 -7.22
N THR B 263 -14.97 -1.64 -7.47
CA THR B 263 -14.16 -2.23 -6.41
C THR B 263 -13.88 -1.22 -5.31
N GLN B 264 -13.48 -0.02 -5.68
CA GLN B 264 -13.09 0.97 -4.68
C GLN B 264 -14.31 1.59 -4.01
N GLY B 265 -15.45 1.61 -4.69
CA GLY B 265 -16.68 2.01 -4.04
C GLY B 265 -17.05 1.05 -2.92
N MET B 266 -16.93 -0.25 -3.18
CA MET B 266 -17.23 -1.23 -2.14
C MET B 266 -16.19 -1.21 -1.04
N MET B 267 -14.92 -0.95 -1.39
CA MET B 267 -13.91 -0.72 -0.36
C MET B 267 -14.32 0.43 0.56
N ALA B 268 -14.81 1.52 -0.03
CA ALA B 268 -15.27 2.65 0.77
C ALA B 268 -16.46 2.25 1.63
N PHE B 269 -17.40 1.50 1.08
CA PHE B 269 -18.56 1.04 1.85
C PHE B 269 -18.13 0.18 3.01
N ALA B 270 -17.14 -0.69 2.81
CA ALA B 270 -16.64 -1.52 3.90
C ALA B 270 -15.94 -0.68 4.96
N GLU B 271 -15.21 0.35 4.53
CA GLU B 271 -14.53 1.23 5.46
C GLU B 271 -15.47 2.23 6.13
N HIS B 272 -16.67 2.44 5.58
CA HIS B 272 -17.64 3.37 6.13
C HIS B 272 -18.98 2.66 6.23
N PRO B 273 -19.14 1.78 7.23
CA PRO B 273 -20.36 0.96 7.32
C PRO B 273 -21.64 1.77 7.43
N ASP B 274 -21.59 2.95 8.05
CA ASP B 274 -22.77 3.80 8.13
C ASP B 274 -23.25 4.20 6.74
N GLN B 275 -22.32 4.42 5.81
CA GLN B 275 -22.70 4.76 4.45
C GLN B 275 -23.27 3.55 3.72
N TRP B 276 -22.74 2.35 3.99
CA TRP B 276 -23.29 1.15 3.40
C TRP B 276 -24.71 0.89 3.87
N GLU B 277 -24.94 1.04 5.18
CA GLU B 277 -26.30 0.90 5.70
C GLU B 277 -27.23 1.94 5.10
N LEU B 278 -26.74 3.18 4.96
CA LEU B 278 -27.53 4.23 4.33
C LEU B 278 -27.86 3.88 2.88
N TYR B 279 -26.89 3.33 2.15
CA TYR B 279 -27.14 3.00 0.75
C TYR B 279 -28.20 1.91 0.63
N LYS B 280 -28.07 0.85 1.42
CA LYS B 280 -29.00 -0.28 1.30
C LYS B 280 -30.43 0.15 1.55
N LYS B 281 -30.65 1.07 2.48
CA LYS B 281 -32.00 1.55 2.78
C LYS B 281 -32.51 2.52 1.73
N VAL B 282 -31.65 3.42 1.27
CA VAL B 282 -32.07 4.56 0.46
C VAL B 282 -31.83 4.33 -1.02
N ARG B 283 -30.72 3.67 -1.38
CA ARG B 283 -30.30 3.50 -2.76
C ARG B 283 -30.23 4.85 -3.49
N PRO B 284 -29.48 5.81 -2.96
CA PRO B 284 -29.54 7.16 -3.53
C PRO B 284 -28.85 7.23 -4.88
N GLU B 285 -29.42 8.04 -5.77
CA GLU B 285 -28.82 8.24 -7.09
C GLU B 285 -27.44 8.89 -6.97
N THR B 286 -27.24 9.75 -5.98
CA THR B 286 -26.00 10.48 -5.79
C THR B 286 -24.82 9.59 -5.40
N ALA B 287 -25.06 8.31 -5.12
CA ALA B 287 -23.99 7.44 -4.65
C ALA B 287 -22.94 7.23 -5.75
N ALA B 288 -23.39 7.11 -7.01
CA ALA B 288 -22.46 6.83 -8.09
C ALA B 288 -21.39 7.90 -8.22
N ASP B 289 -21.78 9.17 -8.11
CA ASP B 289 -20.81 10.25 -8.28
C ASP B 289 -19.82 10.30 -7.12
N GLU B 290 -20.30 10.07 -5.88
CA GLU B 290 -19.36 10.01 -4.77
C GLU B 290 -18.45 8.81 -4.86
N ILE B 291 -18.93 7.70 -5.41
CA ILE B 291 -18.07 6.54 -5.62
C ILE B 291 -16.99 6.87 -6.64
N VAL B 292 -17.34 7.59 -7.71
CA VAL B 292 -16.34 7.96 -8.71
C VAL B 292 -15.35 8.96 -8.14
N ARG B 293 -15.84 9.95 -7.38
CA ARG B 293 -14.92 10.89 -6.72
C ARG B 293 -13.95 10.15 -5.81
N TRP B 294 -14.48 9.23 -4.99
CA TRP B 294 -13.64 8.48 -4.06
C TRP B 294 -12.68 7.56 -4.81
N ALA B 295 -13.15 6.94 -5.89
CA ALA B 295 -12.33 5.94 -6.59
C ALA B 295 -11.34 6.55 -7.56
N THR B 296 -11.63 7.75 -8.09
CA THR B 296 -10.88 8.46 -9.12
C THR B 296 -10.13 7.46 -9.99
N PRO B 297 -10.84 6.65 -10.78
CA PRO B 297 -10.17 5.55 -11.49
C PRO B 297 -9.03 6.00 -12.39
N VAL B 298 -9.13 7.17 -12.99
CA VAL B 298 -8.02 7.78 -13.71
C VAL B 298 -7.33 8.73 -12.74
N THR B 299 -6.12 8.39 -12.32
CA THR B 299 -5.38 9.26 -11.42
C THR B 299 -5.02 10.56 -12.10
N ALA B 300 -4.59 10.50 -13.36
CA ALA B 300 -4.08 11.69 -14.03
C ALA B 300 -4.13 11.52 -15.53
N PHE B 301 -4.53 12.58 -16.23
CA PHE B 301 -4.32 12.75 -17.66
C PHE B 301 -3.51 14.02 -17.88
N GLN B 302 -2.79 14.09 -18.99
CA GLN B 302 -1.92 15.23 -19.26
C GLN B 302 -2.41 16.02 -20.47
N ARG B 303 -1.82 17.20 -20.62
CA ARG B 303 -1.97 18.04 -21.80
C ARG B 303 -0.62 18.64 -22.12
N THR B 304 -0.50 19.21 -23.33
CA THR B 304 0.71 19.90 -23.75
C THR B 304 0.37 21.31 -24.16
N ALA B 305 1.11 22.28 -23.62
CA ALA B 305 0.87 23.68 -23.92
C ALA B 305 1.32 24.00 -25.34
N LEU B 306 0.42 24.56 -26.14
CA LEU B 306 0.74 24.98 -27.50
C LEU B 306 1.24 26.41 -27.57
N ARG B 307 1.05 27.19 -26.51
CA ARG B 307 1.63 28.52 -26.39
C ARG B 307 1.86 28.82 -24.92
N ASP B 308 2.60 29.90 -24.67
CA ASP B 308 2.79 30.35 -23.30
C ASP B 308 1.45 30.69 -22.66
N TYR B 309 1.23 30.20 -21.45
CA TYR B 309 -0.05 30.38 -20.78
C TYR B 309 0.19 30.53 -19.29
N GLU B 310 -0.35 31.60 -18.71
CA GLU B 310 -0.24 31.84 -17.28
C GLU B 310 -1.43 31.17 -16.58
N LEU B 311 -1.13 30.21 -15.70
CA LEU B 311 -2.14 29.44 -14.98
C LEU B 311 -1.97 29.69 -13.50
N SER B 312 -2.90 30.42 -12.90
CA SER B 312 -2.90 30.72 -11.46
C SER B 312 -1.55 31.28 -11.03
N GLY B 313 -1.10 32.31 -11.75
CA GLY B 313 0.15 32.97 -11.44
C GLY B 313 1.40 32.20 -11.82
N VAL B 314 1.28 31.03 -12.42
CA VAL B 314 2.42 30.22 -12.84
C VAL B 314 2.50 30.25 -14.37
N GLN B 315 3.69 30.53 -14.88
CA GLN B 315 3.90 30.65 -16.32
C GLN B 315 4.22 29.28 -16.90
N ILE B 316 3.27 28.71 -17.65
CA ILE B 316 3.51 27.50 -18.42
C ILE B 316 4.07 27.91 -19.77
N LYS B 317 5.14 27.25 -20.20
CA LYS B 317 5.81 27.60 -21.44
C LYS B 317 5.39 26.64 -22.56
N LYS B 318 5.50 27.13 -23.79
CA LYS B 318 5.16 26.34 -24.97
C LYS B 318 5.94 25.03 -25.00
N GLY B 319 5.23 23.94 -25.25
CA GLY B 319 5.83 22.63 -25.34
C GLY B 319 5.86 21.84 -24.04
N GLN B 320 5.66 22.50 -22.90
CA GLN B 320 5.72 21.82 -21.61
C GLN B 320 4.42 21.06 -21.34
N ARG B 321 4.55 19.95 -20.62
CA ARG B 321 3.41 19.13 -20.25
C ARG B 321 2.83 19.57 -18.91
N VAL B 322 1.51 19.52 -18.81
CA VAL B 322 0.80 19.69 -17.54
C VAL B 322 0.03 18.39 -17.28
N VAL B 323 0.17 17.88 -16.06
CA VAL B 323 -0.47 16.62 -15.67
C VAL B 323 -1.56 16.96 -14.66
N MET B 324 -2.82 16.75 -15.07
CA MET B 324 -3.97 17.02 -14.21
C MET B 324 -4.19 15.84 -13.30
N PHE B 325 -3.87 16.00 -12.01
CA PHE B 325 -4.04 14.92 -11.04
C PHE B 325 -5.45 14.97 -10.49
N TYR B 326 -6.36 14.26 -11.16
CA TYR B 326 -7.75 14.17 -10.69
C TYR B 326 -7.82 13.64 -9.26
N ARG B 327 -6.91 12.73 -8.89
CA ARG B 327 -6.90 12.21 -7.54
C ARG B 327 -6.67 13.31 -6.51
N SER B 328 -5.88 14.33 -6.87
CA SER B 328 -5.71 15.46 -5.97
C SER B 328 -6.89 16.43 -6.05
N ALA B 329 -7.35 16.73 -7.27
CA ALA B 329 -8.43 17.70 -7.44
C ALA B 329 -9.72 17.23 -6.76
N ASN B 330 -9.98 15.93 -6.78
CA ASN B 330 -11.21 15.41 -6.20
C ASN B 330 -11.20 15.45 -4.67
N PHE B 331 -10.10 15.89 -4.05
CA PHE B 331 -10.05 16.07 -2.60
C PHE B 331 -9.59 17.49 -2.27
N ASP B 332 -9.86 18.43 -3.17
CA ASP B 332 -9.50 19.83 -2.98
C ASP B 332 -10.28 20.40 -1.80
N GLU B 333 -9.56 20.80 -0.74
CA GLU B 333 -10.21 21.26 0.48
C GLU B 333 -11.02 22.52 0.24
N GLU B 334 -10.60 23.36 -0.71
CA GLU B 334 -11.31 24.61 -0.99
C GLU B 334 -12.61 24.39 -1.76
N VAL B 335 -12.82 23.19 -2.30
CA VAL B 335 -14.00 22.90 -3.11
C VAL B 335 -15.00 22.03 -2.36
N PHE B 336 -14.52 21.03 -1.62
CA PHE B 336 -15.40 20.01 -1.05
C PHE B 336 -15.62 20.14 0.44
N GLN B 337 -14.98 21.11 1.11
CA GLN B 337 -15.15 21.33 2.54
CA GLN B 337 -15.14 21.34 2.53
C GLN B 337 -14.71 20.13 3.35
N ASP B 338 -15.35 18.98 3.13
CA ASP B 338 -15.01 17.73 3.83
C ASP B 338 -14.61 16.65 2.82
N PRO B 339 -13.52 16.86 2.07
CA PRO B 339 -13.19 15.92 0.99
C PRO B 339 -12.88 14.52 1.46
N PHE B 340 -12.38 14.36 2.69
CA PHE B 340 -12.01 13.05 3.20
C PHE B 340 -13.17 12.33 3.85
N THR B 341 -14.38 12.88 3.78
CA THR B 341 -15.59 12.20 4.20
C THR B 341 -16.23 11.53 3.00
N PHE B 342 -16.55 10.25 3.14
CA PHE B 342 -17.28 9.51 2.12
C PHE B 342 -18.77 9.70 2.37
N ASN B 343 -19.42 10.50 1.52
CA ASN B 343 -20.82 10.89 1.71
C ASN B 343 -21.57 10.57 0.42
N ILE B 344 -22.32 9.47 0.41
CA ILE B 344 -23.06 9.06 -0.78
C ILE B 344 -24.22 9.99 -1.11
N LEU B 345 -24.55 10.91 -0.22
CA LEU B 345 -25.58 11.92 -0.47
C LEU B 345 -24.98 13.25 -0.92
N ARG B 346 -23.66 13.29 -1.14
CA ARG B 346 -22.98 14.55 -1.43
C ARG B 346 -23.60 15.23 -2.63
N ASN B 347 -24.07 16.46 -2.44
CA ASN B 347 -24.80 17.18 -3.46
C ASN B 347 -24.77 18.68 -3.13
N PRO B 348 -24.19 19.51 -3.99
CA PRO B 348 -23.57 19.20 -5.30
C PRO B 348 -22.28 18.39 -5.16
N ASN B 349 -21.80 17.79 -6.24
CA ASN B 349 -20.57 16.99 -6.23
C ASN B 349 -19.78 17.31 -7.48
N PRO B 350 -19.02 18.40 -7.47
CA PRO B 350 -18.35 18.85 -8.70
C PRO B 350 -17.03 18.14 -8.98
N HIS B 351 -16.96 16.85 -8.72
CA HIS B 351 -15.72 16.10 -8.88
C HIS B 351 -15.29 16.05 -10.35
N VAL B 352 -14.02 15.72 -10.55
CA VAL B 352 -13.47 15.64 -11.91
C VAL B 352 -13.04 14.21 -12.21
N GLY B 353 -13.70 13.23 -11.59
CA GLY B 353 -13.41 11.84 -11.89
C GLY B 353 -13.59 11.52 -13.36
N PHE B 354 -14.58 12.15 -14.00
CA PHE B 354 -14.79 12.03 -15.44
C PHE B 354 -14.04 13.10 -16.21
N GLY B 355 -13.04 13.74 -15.58
CA GLY B 355 -12.28 14.80 -16.21
C GLY B 355 -12.83 16.18 -15.89
N GLY B 356 -12.03 17.19 -16.21
CA GLY B 356 -12.51 18.54 -16.18
C GLY B 356 -13.54 18.74 -17.29
N THR B 357 -14.61 19.47 -16.96
CA THR B 357 -15.64 19.76 -17.95
C THR B 357 -15.03 20.47 -19.14
N GLY B 358 -15.37 20.00 -20.34
CA GLY B 358 -14.80 20.60 -21.54
C GLY B 358 -15.04 19.71 -22.74
N ALA B 359 -14.21 19.91 -23.77
CA ALA B 359 -14.43 19.23 -25.04
C ALA B 359 -14.28 17.72 -24.92
N HIS B 360 -13.40 17.24 -24.05
CA HIS B 360 -13.09 15.82 -23.95
C HIS B 360 -13.82 15.13 -22.80
N TYR B 361 -14.75 15.82 -22.14
CA TYR B 361 -15.44 15.25 -20.99
C TYR B 361 -16.02 13.88 -21.34
N CYS B 362 -15.84 12.93 -20.41
CA CYS B 362 -16.19 11.53 -20.63
C CYS B 362 -17.58 11.37 -21.22
N ILE B 363 -17.66 10.84 -22.45
CA ILE B 363 -18.96 10.60 -23.06
C ILE B 363 -19.68 9.45 -22.38
N GLY B 364 -18.96 8.52 -21.76
CA GLY B 364 -19.55 7.39 -21.10
C GLY B 364 -19.94 7.63 -19.65
N ALA B 365 -19.94 8.88 -19.20
CA ALA B 365 -20.19 9.19 -17.79
C ALA B 365 -21.53 8.62 -17.33
N ASN B 366 -22.59 8.88 -18.09
CA ASN B 366 -23.92 8.37 -17.70
C ASN B 366 -23.95 6.85 -17.75
N LEU B 367 -23.30 6.25 -18.75
CA LEU B 367 -23.22 4.79 -18.80
C LEU B 367 -22.47 4.26 -17.59
N ALA B 368 -21.36 4.89 -17.22
CA ALA B 368 -20.62 4.48 -16.03
C ALA B 368 -21.49 4.56 -14.79
N ARG B 369 -22.19 5.69 -14.60
CA ARG B 369 -23.02 5.85 -13.42
C ARG B 369 -24.12 4.79 -13.36
N MET B 370 -24.73 4.49 -14.50
CA MET B 370 -25.77 3.47 -14.53
C MET B 370 -25.20 2.09 -14.18
N THR B 371 -24.04 1.76 -14.74
CA THR B 371 -23.37 0.51 -14.38
C THR B 371 -23.10 0.44 -12.89
N ILE B 372 -22.63 1.53 -12.31
CA ILE B 372 -22.32 1.56 -10.88
C ILE B 372 -23.58 1.41 -10.05
N ASN B 373 -24.63 2.15 -10.40
CA ASN B 373 -25.88 2.08 -9.65
C ASN B 373 -26.51 0.69 -9.74
N LEU B 374 -26.45 0.07 -10.91
CA LEU B 374 -27.09 -1.23 -11.08
C LEU B 374 -26.34 -2.31 -10.32
N ILE B 375 -25.00 -2.28 -10.34
CA ILE B 375 -24.27 -3.35 -9.67
C ILE B 375 -24.35 -3.21 -8.15
N PHE B 376 -24.40 -1.97 -7.64
CA PHE B 376 -24.48 -1.79 -6.20
C PHE B 376 -25.89 -2.03 -5.68
N ASN B 377 -26.91 -1.72 -6.48
CA ASN B 377 -28.26 -2.15 -6.13
C ASN B 377 -28.35 -3.66 -6.07
N ALA B 378 -27.62 -4.35 -6.95
CA ALA B 378 -27.62 -5.81 -6.94
C ALA B 378 -26.85 -6.34 -5.74
N VAL B 379 -25.70 -5.74 -5.41
CA VAL B 379 -24.94 -6.15 -4.24
C VAL B 379 -25.78 -5.98 -2.98
N ALA B 380 -26.47 -4.85 -2.86
CA ALA B 380 -27.34 -4.62 -1.70
C ALA B 380 -28.50 -5.61 -1.68
N ASP B 381 -28.98 -6.04 -2.84
CA ASP B 381 -30.10 -6.97 -2.89
C ASP B 381 -29.68 -8.39 -2.51
N HIS B 382 -28.47 -8.81 -2.88
CA HIS B 382 -28.09 -10.21 -2.78
C HIS B 382 -27.03 -10.49 -1.73
N MET B 383 -26.25 -9.51 -1.32
CA MET B 383 -25.27 -9.74 -0.27
C MET B 383 -25.17 -8.53 0.66
N PRO B 384 -26.26 -8.13 1.32
CA PRO B 384 -26.21 -6.89 2.11
C PRO B 384 -25.18 -6.92 3.23
N ASP B 385 -24.78 -8.10 3.68
CA ASP B 385 -23.84 -8.23 4.79
C ASP B 385 -22.42 -8.53 4.32
N LEU B 386 -22.08 -8.15 3.09
CA LEU B 386 -20.74 -8.35 2.57
C LEU B 386 -19.71 -7.70 3.49
N LYS B 387 -18.61 -8.42 3.73
CA LYS B 387 -17.49 -7.94 4.52
C LYS B 387 -16.21 -8.45 3.88
N PRO B 388 -15.15 -7.64 3.86
CA PRO B 388 -13.90 -8.08 3.23
C PRO B 388 -13.19 -9.13 4.06
N ILE B 389 -12.36 -9.91 3.38
CA ILE B 389 -11.55 -10.93 4.03
C ILE B 389 -10.10 -10.48 4.17
N SER B 390 -9.52 -9.88 3.13
CA SER B 390 -8.13 -9.46 3.17
C SER B 390 -7.98 -8.16 2.37
N ALA B 391 -6.77 -7.61 2.43
CA ALA B 391 -6.50 -6.32 1.81
C ALA B 391 -6.46 -6.45 0.28
N PRO B 392 -6.79 -5.39 -0.44
CA PRO B 392 -6.73 -5.42 -1.90
C PRO B 392 -5.31 -5.28 -2.43
N GLU B 393 -5.09 -5.84 -3.61
CA GLU B 393 -3.84 -5.73 -4.34
C GLU B 393 -3.99 -4.64 -5.39
N ARG B 394 -3.11 -3.64 -5.34
CA ARG B 394 -3.21 -2.50 -6.25
C ARG B 394 -2.46 -2.78 -7.55
N LEU B 395 -2.82 -2.01 -8.57
CA LEU B 395 -2.21 -2.12 -9.89
C LEU B 395 -0.99 -1.21 -9.98
N ARG B 396 0.07 -1.73 -10.58
CA ARG B 396 1.26 -0.91 -10.82
C ARG B 396 1.05 -0.12 -12.09
N SER B 397 0.78 1.17 -11.93
CA SER B 397 0.58 2.07 -13.05
C SER B 397 0.87 3.49 -12.57
N GLY B 398 1.40 4.31 -13.46
CA GLY B 398 1.69 5.68 -13.10
C GLY B 398 0.56 6.65 -13.33
N TRP B 399 -0.59 6.17 -13.81
CA TRP B 399 -1.69 7.06 -14.18
C TRP B 399 -3.06 6.43 -13.97
N LEU B 400 -3.13 5.10 -13.93
CA LEU B 400 -4.38 4.39 -13.70
C LEU B 400 -4.43 3.89 -12.27
N ASN B 401 -5.57 4.09 -11.60
CA ASN B 401 -5.76 3.68 -10.21
C ASN B 401 -6.56 2.39 -10.22
N GLY B 402 -5.87 1.25 -10.08
CA GLY B 402 -6.48 -0.04 -10.27
C GLY B 402 -6.35 -0.95 -9.07
N ILE B 403 -7.35 -1.82 -8.89
CA ILE B 403 -7.33 -2.89 -7.91
C ILE B 403 -7.35 -4.21 -8.67
N LYS B 404 -6.31 -5.03 -8.48
CA LYS B 404 -6.23 -6.30 -9.20
C LYS B 404 -7.10 -7.38 -8.54
N HIS B 405 -7.04 -7.48 -7.21
CA HIS B 405 -7.74 -8.54 -6.49
C HIS B 405 -8.17 -8.02 -5.13
N TRP B 406 -9.25 -8.59 -4.61
CA TRP B 406 -9.78 -8.18 -3.31
C TRP B 406 -10.67 -9.31 -2.80
N GLN B 407 -10.18 -10.08 -1.83
CA GLN B 407 -10.93 -11.20 -1.27
C GLN B 407 -11.96 -10.68 -0.28
N VAL B 408 -13.22 -11.06 -0.49
CA VAL B 408 -14.31 -10.63 0.38
C VAL B 408 -15.22 -11.82 0.70
N ASP B 409 -15.98 -11.66 1.79
CA ASP B 409 -16.91 -12.68 2.27
C ASP B 409 -18.33 -12.16 2.03
N TYR B 410 -19.05 -12.82 1.13
CA TYR B 410 -20.37 -12.34 0.73
C TYR B 410 -21.44 -12.64 1.78
N THR B 411 -21.37 -13.79 2.44
CA THR B 411 -22.37 -14.11 3.45
C THR B 411 -22.15 -13.31 4.73
N GLY B 412 -20.92 -12.86 4.99
CA GLY B 412 -20.64 -12.06 6.17
C GLY B 412 -20.77 -12.81 7.47
#